data_3TEZ
#
_entry.id   3TEZ
#
_cell.length_a   71.293
_cell.length_b   93.686
_cell.length_c   117.851
_cell.angle_alpha   90.00
_cell.angle_beta   90.00
_cell.angle_gamma   90.00
#
_symmetry.space_group_name_H-M   'P 21 21 21'
#
loop_
_entity.id
_entity.type
_entity.pdbx_description
1 polymer 'Protective antigen'
2 non-polymer 'CALCIUM ION'
3 non-polymer 2-METHOXYETHANOL
4 non-polymer ACETONE
5 water water
#
_entity_poly.entity_id   1
_entity_poly.type   'polypeptide(L)'
_entity_poly.pdbx_seq_one_letter_code
;EVKQENRLLNESESSSQGLLGYYFSDLNFQAPMVVTSSTTGDLSIPSSELENIPSENQYFQSAIWSGFIKVKKSDEYTFA
TSADNHVTMWVDDQEVINKASNSNKIRLEKGRLYQIKIQYQRENPTEKGLDFKLYWTDSQNKKEVISSDNLQLPELKQKS
SNSRKKRSTSAGPTVPDRDNDGIPDSLEVEGYTVDVKNKRTFLSPWISNIHEKKGLTKYKSSPEKWSTASDPYSDFEKVT
GRIDKNVSPEARHPLVAAYPIVHVDMENIILSKNEDQSTQNTDSQTRTISKNTSTSRTHTSEVHGNAEVHASFFDIGGSV
SAGFSNSNSSTVAIDHCLSLAGERTWAETMGLNTADTARLNANIRYVNTGTAPIYNVLPTTSLVLGKNQTLATIKAKENQ
LSQILAPNNYYPSKNLAPIALNAQDDFSSTPITMNYNQFLELEKTKQLRLDTDQVYGNIATYNFENGRVRVDTGSNWSEV
LPQIQETTARIIFNGKDLNLVERRIAAVNPSDPLETTKPDMTLKEALKIAFGFNEPNGNLQYQGKDITEFDFNFDQQTSQ
NIKNQLAELNATNIYTVLDKIKLNAKMNILIRDKRFHYDRNNIAVGADESVVKEAHREVINSSTEGLLLNIDKDIRKILS
GYIVEIEDTEGLKEVINDRYDMLCISSLRQDGKTFIDFKKYNDKLPLYISNPNYKVNVYAVTKENTIINPSENGDTSTNG
IKKILIFSKKGYEIG
;
_entity_poly.pdbx_strand_id   A
#
loop_
_chem_comp.id
_chem_comp.type
_chem_comp.name
_chem_comp.formula
ACN non-polymer ACETONE 'C3 H6 O'
CA non-polymer 'CALCIUM ION' 'Ca 2'
MXE non-polymer 2-METHOXYETHANOL 'C3 H8 O2'
#
# COMPACT_ATOMS: atom_id res chain seq x y z
N SER A 15 26.96 0.50 3.55
CA SER A 15 26.81 1.91 3.92
C SER A 15 26.43 2.79 2.73
N SER A 16 25.51 3.71 2.95
CA SER A 16 25.04 4.62 1.91
C SER A 16 25.77 5.96 1.92
N GLN A 17 26.78 6.08 2.80
CA GLN A 17 27.53 7.33 2.97
C GLN A 17 28.78 7.43 2.09
N GLY A 18 29.30 8.66 1.96
CA GLY A 18 30.52 8.92 1.21
C GLY A 18 30.35 10.11 0.27
N LEU A 19 31.26 10.26 -0.69
CA LEU A 19 31.12 11.29 -1.72
C LEU A 19 30.24 10.83 -2.89
N LEU A 20 29.53 11.78 -3.50
CA LEU A 20 28.69 11.46 -4.67
C LEU A 20 29.43 11.73 -5.98
N GLY A 21 29.53 10.71 -6.82
CA GLY A 21 30.27 10.84 -8.07
C GLY A 21 29.44 10.74 -9.32
N TYR A 22 29.73 11.62 -10.27
CA TYR A 22 29.16 11.60 -11.61
C TYR A 22 30.29 11.29 -12.59
N TYR A 23 30.12 10.25 -13.38
CA TYR A 23 31.15 9.79 -14.31
C TYR A 23 30.61 9.91 -15.73
N PHE A 24 31.30 10.69 -16.56
CA PHE A 24 30.83 11.00 -17.91
C PHE A 24 31.73 10.42 -18.99
N SER A 25 31.10 10.00 -20.09
CA SER A 25 31.84 9.47 -21.23
C SER A 25 32.46 10.61 -22.06
N ASP A 26 31.86 11.79 -22.01
CA ASP A 26 32.40 12.93 -22.74
C ASP A 26 33.33 13.76 -21.84
N LEU A 27 33.97 14.76 -22.44
CA LEU A 27 35.00 15.54 -21.78
C LEU A 27 34.42 16.70 -20.98
N ASN A 28 33.18 17.05 -21.29
CA ASN A 28 32.59 18.28 -20.77
C ASN A 28 31.36 18.12 -19.87
N PHE A 29 31.30 17.02 -19.12
CA PHE A 29 30.26 16.83 -18.11
C PHE A 29 28.82 16.83 -18.63
N GLN A 30 28.60 16.30 -19.83
CA GLN A 30 27.29 16.36 -20.49
C GLN A 30 26.61 15.00 -20.60
N ALA A 31 27.40 13.93 -20.65
CA ALA A 31 26.87 12.59 -20.88
C ALA A 31 27.14 11.65 -19.70
N PRO A 32 26.36 11.78 -18.63
CA PRO A 32 26.59 10.95 -17.45
C PRO A 32 26.30 9.48 -17.71
N MET A 33 27.29 8.63 -17.43
CA MET A 33 27.14 7.19 -17.60
C MET A 33 26.84 6.51 -16.28
N VAL A 34 27.49 6.97 -15.22
CA VAL A 34 27.28 6.43 -13.90
C VAL A 34 27.14 7.53 -12.86
N VAL A 35 26.20 7.33 -11.95
CA VAL A 35 26.08 8.19 -10.78
C VAL A 35 26.08 7.24 -9.59
N THR A 36 27.03 7.41 -8.70
CA THR A 36 27.13 6.50 -7.57
C THR A 36 27.97 7.13 -6.47
N SER A 37 27.95 6.54 -5.29
CA SER A 37 28.68 7.08 -4.15
C SER A 37 29.85 6.18 -3.81
N SER A 38 30.84 6.74 -3.13
CA SER A 38 32.00 5.98 -2.65
C SER A 38 32.17 6.25 -1.15
N THR A 39 32.29 5.19 -0.36
CA THR A 39 32.41 5.35 1.09
C THR A 39 33.70 6.03 1.51
N THR A 40 34.78 5.77 0.78
CA THR A 40 36.09 6.33 1.13
C THR A 40 36.64 7.19 0.01
N GLY A 41 37.88 7.64 0.18
CA GLY A 41 38.56 8.44 -0.82
C GLY A 41 38.85 7.69 -2.12
N ASP A 42 38.72 6.37 -2.08
CA ASP A 42 38.83 5.57 -3.30
C ASP A 42 37.60 5.77 -4.18
N LEU A 43 37.72 6.61 -5.20
CA LEU A 43 36.58 6.98 -6.03
C LEU A 43 36.54 6.14 -7.32
N SER A 44 37.26 5.03 -7.30
CA SER A 44 37.41 4.21 -8.50
C SER A 44 36.15 3.47 -8.89
N ILE A 45 36.01 3.25 -10.19
CA ILE A 45 35.05 2.30 -10.73
C ILE A 45 35.80 1.42 -11.72
N PRO A 46 36.06 0.17 -11.33
CA PRO A 46 36.78 -0.72 -12.26
C PRO A 46 35.84 -1.15 -13.39
N SER A 47 36.39 -1.45 -14.55
CA SER A 47 35.58 -1.86 -15.70
C SER A 47 34.78 -3.12 -15.41
N SER A 48 35.23 -3.90 -14.42
CA SER A 48 34.50 -5.10 -14.02
C SER A 48 33.10 -4.77 -13.50
N GLU A 49 32.90 -3.53 -13.07
CA GLU A 49 31.61 -3.11 -12.53
C GLU A 49 30.69 -2.50 -13.58
N LEU A 50 31.14 -2.48 -14.84
CA LEU A 50 30.44 -1.75 -15.89
C LEU A 50 29.74 -2.62 -16.95
N GLU A 51 29.13 -3.72 -16.51
CA GLU A 51 28.43 -4.60 -17.44
C GLU A 51 27.14 -4.00 -18.03
N ASN A 52 26.50 -3.13 -17.26
CA ASN A 52 25.27 -2.47 -17.72
C ASN A 52 25.51 -1.23 -18.58
N ILE A 53 26.70 -1.11 -19.13
CA ILE A 53 27.00 -0.01 -20.03
C ILE A 53 27.88 -0.45 -21.21
N PRO A 54 27.55 0.01 -22.42
CA PRO A 54 28.26 -0.33 -23.65
C PRO A 54 29.77 -0.16 -23.46
N SER A 55 30.55 -1.00 -24.13
CA SER A 55 32.00 -0.97 -23.98
C SER A 55 32.58 0.40 -24.34
N GLU A 56 32.08 0.99 -25.42
CA GLU A 56 32.61 2.27 -25.90
C GLU A 56 32.31 3.39 -24.92
N ASN A 57 31.26 3.22 -24.12
CA ASN A 57 30.91 4.23 -23.12
C ASN A 57 31.58 4.02 -21.78
N GLN A 58 32.29 2.91 -21.62
CA GLN A 58 33.04 2.64 -20.40
C GLN A 58 34.29 3.52 -20.29
N TYR A 59 34.52 4.34 -21.31
CA TYR A 59 35.61 5.30 -21.28
C TYR A 59 35.12 6.62 -20.68
N PHE A 60 35.65 6.96 -19.51
CA PHE A 60 35.22 8.16 -18.78
C PHE A 60 36.20 9.31 -18.99
N GLN A 61 35.77 10.36 -19.68
CA GLN A 61 36.64 11.50 -19.94
C GLN A 61 36.49 12.63 -18.93
N SER A 62 35.42 12.61 -18.14
CA SER A 62 35.27 13.59 -17.09
C SER A 62 34.47 13.02 -15.93
N ALA A 63 34.57 13.68 -14.78
CA ALA A 63 33.91 13.22 -13.57
C ALA A 63 33.81 14.39 -12.62
N ILE A 64 32.78 14.36 -11.79
CA ILE A 64 32.60 15.34 -10.73
C ILE A 64 32.20 14.62 -9.46
N TRP A 65 32.86 14.97 -8.36
CA TRP A 65 32.48 14.47 -7.05
C TRP A 65 32.09 15.64 -6.15
N SER A 66 31.15 15.39 -5.24
CA SER A 66 30.72 16.40 -4.28
C SER A 66 30.26 15.78 -2.96
N GLY A 67 30.30 16.59 -1.91
CA GLY A 67 29.95 16.12 -0.59
C GLY A 67 30.57 17.04 0.44
N PHE A 68 30.84 16.49 1.62
CA PHE A 68 31.44 17.22 2.71
C PHE A 68 32.57 16.40 3.33
N ILE A 69 33.47 17.10 4.01
CA ILE A 69 34.51 16.46 4.81
C ILE A 69 34.34 16.92 6.25
N LYS A 70 34.37 15.97 7.16
CA LYS A 70 34.33 16.24 8.59
C LYS A 70 35.59 15.67 9.21
N VAL A 71 36.35 16.50 9.93
CA VAL A 71 37.59 16.01 10.52
C VAL A 71 37.44 15.79 12.03
N LYS A 72 38.09 14.75 12.52
CA LYS A 72 38.04 14.42 13.93
C LYS A 72 39.14 15.14 14.72
N LYS A 73 40.02 15.83 14.02
CA LYS A 73 41.18 16.45 14.65
C LYS A 73 41.64 17.69 13.90
N SER A 74 41.50 18.87 14.52
CA SER A 74 41.97 20.11 13.92
C SER A 74 43.43 19.98 13.51
N ASP A 75 43.76 20.49 12.33
CA ASP A 75 45.12 20.37 11.81
C ASP A 75 45.21 21.05 10.45
N GLU A 76 46.42 21.13 9.92
CA GLU A 76 46.61 21.60 8.57
C GLU A 76 46.81 20.40 7.65
N TYR A 77 45.92 20.28 6.67
CA TYR A 77 45.93 19.13 5.77
C TYR A 77 46.34 19.54 4.37
N THR A 78 47.02 18.63 3.67
CA THR A 78 47.31 18.83 2.26
C THR A 78 46.52 17.80 1.46
N PHE A 79 45.85 18.25 0.41
CA PHE A 79 45.05 17.35 -0.41
C PHE A 79 45.78 16.95 -1.68
N ALA A 80 45.48 15.75 -2.16
CA ALA A 80 46.06 15.26 -3.40
C ALA A 80 45.22 14.11 -3.95
N THR A 81 45.35 13.89 -5.24
CA THR A 81 44.61 12.85 -5.93
C THR A 81 45.54 12.03 -6.80
N SER A 82 44.98 10.97 -7.38
CA SER A 82 45.64 10.11 -8.35
C SER A 82 46.08 10.83 -9.62
N ALA A 83 45.47 11.98 -9.89
CA ALA A 83 45.70 12.67 -11.18
C ALA A 83 45.60 14.18 -11.05
N ASP A 84 46.43 14.77 -10.19
CA ASP A 84 46.39 16.21 -9.94
C ASP A 84 46.50 17.07 -11.18
N ASN A 85 47.15 16.56 -12.22
CA ASN A 85 47.29 17.31 -13.46
C ASN A 85 45.98 17.43 -14.22
N HIS A 86 45.00 16.58 -13.90
CA HIS A 86 43.72 16.59 -14.59
C HIS A 86 42.61 17.02 -13.66
N VAL A 87 42.97 17.57 -12.51
CA VAL A 87 42.01 17.81 -11.43
C VAL A 87 41.95 19.26 -10.99
N THR A 88 40.74 19.73 -10.71
CA THR A 88 40.56 20.94 -9.93
C THR A 88 39.68 20.62 -8.73
N MET A 89 40.14 20.98 -7.54
CA MET A 89 39.42 20.68 -6.31
C MET A 89 39.15 21.94 -5.49
N TRP A 90 37.93 22.02 -4.96
CA TRP A 90 37.53 23.14 -4.12
C TRP A 90 37.12 22.66 -2.73
N VAL A 91 37.61 23.35 -1.70
CA VAL A 91 37.11 23.16 -0.35
C VAL A 91 36.46 24.47 0.08
N ASP A 92 35.14 24.45 0.25
CA ASP A 92 34.40 25.68 0.55
C ASP A 92 34.78 26.83 -0.37
N ASP A 93 34.51 26.69 -1.66
CA ASP A 93 34.72 27.80 -2.60
C ASP A 93 36.20 28.13 -2.84
N GLN A 94 37.08 27.52 -2.06
CA GLN A 94 38.52 27.73 -2.20
C GLN A 94 39.20 26.61 -2.98
N GLU A 95 39.83 26.96 -4.10
CA GLU A 95 40.60 25.99 -4.86
C GLU A 95 41.81 25.50 -4.05
N VAL A 96 41.95 24.20 -3.92
CA VAL A 96 43.12 23.64 -3.24
C VAL A 96 43.99 22.83 -4.20
N ILE A 97 43.43 22.49 -5.36
CA ILE A 97 44.16 21.85 -6.44
C ILE A 97 43.68 22.40 -7.79
N ASN A 98 44.63 22.79 -8.64
CA ASN A 98 44.30 23.22 -10.00
C ASN A 98 45.29 22.68 -11.02
N LYS A 99 44.97 21.53 -11.58
CA LYS A 99 45.78 20.91 -12.64
C LYS A 99 47.27 20.85 -12.28
N ALA A 100 47.56 20.83 -10.98
CA ALA A 100 48.92 20.68 -10.50
C ALA A 100 48.95 20.14 -9.08
N SER A 101 49.85 19.19 -8.82
CA SER A 101 50.07 18.73 -7.47
C SER A 101 50.71 19.86 -6.67
N ASN A 102 50.42 19.92 -5.38
CA ASN A 102 51.01 20.94 -4.53
C ASN A 102 51.14 20.47 -3.09
N SER A 103 51.70 21.32 -2.24
CA SER A 103 51.85 21.01 -0.82
C SER A 103 51.22 22.10 0.03
N ASN A 104 50.34 22.89 -0.60
CA ASN A 104 49.61 23.94 0.09
C ASN A 104 48.74 23.38 1.21
N LYS A 105 48.98 23.86 2.43
CA LYS A 105 48.31 23.32 3.61
C LYS A 105 47.14 24.18 4.06
N ILE A 106 45.93 23.65 3.91
CA ILE A 106 44.74 24.35 4.38
C ILE A 106 44.39 23.89 5.79
N ARG A 107 43.92 24.82 6.62
CA ARG A 107 43.62 24.55 8.01
C ARG A 107 42.17 24.10 8.22
N LEU A 108 42.00 22.94 8.83
CA LEU A 108 40.67 22.36 9.06
C LEU A 108 40.38 22.16 10.54
N GLU A 109 39.23 22.66 11.00
CA GLU A 109 38.85 22.58 12.40
C GLU A 109 37.98 21.37 12.70
N LYS A 110 38.30 20.69 13.80
CA LYS A 110 37.48 19.57 14.25
C LYS A 110 36.00 20.00 14.32
N GLY A 111 35.10 19.06 14.08
CA GLY A 111 33.68 19.27 14.23
C GLY A 111 33.00 20.11 13.17
N ARG A 112 33.79 20.76 12.33
CA ARG A 112 33.25 21.64 11.30
C ARG A 112 33.14 20.91 9.95
N LEU A 113 32.14 21.28 9.16
CA LEU A 113 31.90 20.60 7.90
C LEU A 113 32.27 21.47 6.72
N TYR A 114 33.15 20.94 5.87
CA TYR A 114 33.59 21.67 4.70
C TYR A 114 33.04 21.01 3.45
N GLN A 115 32.53 21.82 2.53
CA GLN A 115 32.06 21.34 1.25
C GLN A 115 33.24 20.89 0.42
N ILE A 116 33.02 19.87 -0.41
CA ILE A 116 34.02 19.39 -1.35
C ILE A 116 33.42 19.35 -2.74
N LYS A 117 34.16 19.86 -3.72
CA LYS A 117 33.86 19.59 -5.11
C LYS A 117 35.15 19.22 -5.83
N ILE A 118 35.12 18.12 -6.58
CA ILE A 118 36.29 17.74 -7.37
C ILE A 118 35.86 17.54 -8.81
N GLN A 119 36.59 18.17 -9.74
CA GLN A 119 36.36 17.91 -11.15
C GLN A 119 37.59 17.27 -11.77
N TYR A 120 37.35 16.42 -12.76
CA TYR A 120 38.41 15.68 -13.42
C TYR A 120 38.09 15.59 -14.90
N GLN A 121 39.10 15.82 -15.73
CA GLN A 121 38.95 15.71 -17.17
C GLN A 121 40.20 15.06 -17.77
N ARG A 122 39.99 14.15 -18.70
CA ARG A 122 41.08 13.50 -19.40
C ARG A 122 40.58 12.99 -20.75
N GLU A 123 41.08 13.54 -21.85
CA GLU A 123 40.58 13.08 -23.14
C GLU A 123 41.28 11.83 -23.62
N ASN A 124 40.53 10.99 -24.32
CA ASN A 124 41.06 9.75 -24.88
C ASN A 124 41.81 8.87 -23.87
N PRO A 125 41.13 8.47 -22.79
CA PRO A 125 41.71 7.54 -21.83
C PRO A 125 41.91 6.19 -22.52
N THR A 126 42.96 5.47 -22.18
CA THR A 126 43.27 4.22 -22.85
C THR A 126 42.71 3.02 -22.08
N GLU A 127 42.21 3.29 -20.88
CA GLU A 127 41.67 2.25 -20.02
C GLU A 127 40.19 2.52 -19.77
N LYS A 128 39.41 1.46 -19.65
CA LYS A 128 38.00 1.60 -19.30
C LYS A 128 37.81 1.81 -17.79
N GLY A 129 36.68 2.40 -17.42
CA GLY A 129 36.42 2.72 -16.04
C GLY A 129 37.29 3.87 -15.55
N LEU A 130 37.47 3.98 -14.24
CA LEU A 130 38.32 5.01 -13.68
C LEU A 130 38.99 4.53 -12.41
N ASP A 131 40.30 4.68 -12.36
CA ASP A 131 41.07 4.45 -11.15
C ASP A 131 41.40 5.84 -10.61
N PHE A 132 40.84 6.19 -9.47
CA PHE A 132 40.98 7.55 -8.96
C PHE A 132 40.85 7.56 -7.45
N LYS A 133 41.82 8.19 -6.80
CA LYS A 133 41.84 8.23 -5.35
C LYS A 133 42.06 9.63 -4.83
N LEU A 134 41.42 9.93 -3.71
CA LEU A 134 41.56 11.19 -3.01
C LEU A 134 42.31 10.92 -1.72
N TYR A 135 43.44 11.61 -1.55
CA TYR A 135 44.24 11.47 -0.34
C TYR A 135 44.31 12.77 0.44
N TRP A 136 44.71 12.65 1.70
CA TRP A 136 45.18 13.82 2.44
C TRP A 136 46.33 13.46 3.37
N THR A 137 47.17 14.46 3.61
CA THR A 137 48.31 14.33 4.52
C THR A 137 48.16 15.33 5.66
N ASP A 138 48.37 14.86 6.89
CA ASP A 138 48.27 15.73 8.07
C ASP A 138 49.59 16.44 8.33
N SER A 139 49.71 17.04 9.51
CA SER A 139 50.94 17.79 9.85
C SER A 139 52.12 16.87 10.13
N GLN A 140 51.83 15.62 10.49
CA GLN A 140 52.87 14.64 10.76
C GLN A 140 53.31 13.87 9.52
N ASN A 141 53.07 14.44 8.34
CA ASN A 141 53.45 13.82 7.08
C ASN A 141 52.89 12.42 6.85
N LYS A 142 51.75 12.12 7.49
CA LYS A 142 51.04 10.87 7.24
C LYS A 142 50.03 11.04 6.09
N LYS A 143 50.19 10.24 5.05
CA LYS A 143 49.31 10.33 3.88
C LYS A 143 48.48 9.08 3.72
N GLU A 144 47.17 9.28 3.50
CA GLU A 144 46.29 8.14 3.24
C GLU A 144 45.08 8.54 2.39
N VAL A 145 44.48 7.55 1.75
CA VAL A 145 43.18 7.72 1.12
C VAL A 145 42.18 8.14 2.21
N ILE A 146 41.43 9.20 1.96
CA ILE A 146 40.53 9.71 3.00
C ILE A 146 39.56 8.63 3.46
N SER A 147 39.49 8.42 4.78
CA SER A 147 38.69 7.34 5.33
C SER A 147 37.20 7.69 5.33
N SER A 148 36.36 6.65 5.39
CA SER A 148 34.92 6.83 5.26
C SER A 148 34.31 7.67 6.39
N ASP A 149 34.97 7.68 7.54
CA ASP A 149 34.49 8.44 8.70
C ASP A 149 34.59 9.94 8.47
N ASN A 150 35.31 10.34 7.43
CA ASN A 150 35.53 11.75 7.16
C ASN A 150 34.71 12.31 6.00
N LEU A 151 33.93 11.46 5.35
CA LEU A 151 33.26 11.86 4.12
C LEU A 151 31.74 11.72 4.24
N GLN A 152 31.03 12.70 3.71
CA GLN A 152 29.56 12.67 3.69
C GLN A 152 29.03 13.11 2.34
N LEU A 153 27.80 12.70 2.05
CA LEU A 153 27.14 13.04 0.81
C LEU A 153 26.75 14.49 0.81
N PRO A 154 26.48 15.04 -0.37
CA PRO A 154 25.94 16.40 -0.41
C PRO A 154 24.52 16.39 0.19
N GLU A 155 24.02 17.58 0.54
CA GLU A 155 22.72 17.73 1.18
C GLU A 155 21.66 17.77 0.09
N LEU A 156 21.25 16.60 -0.37
CA LEU A 156 20.39 16.51 -1.55
C LEU A 156 18.93 16.65 -1.14
N LYS A 157 18.61 17.79 -0.53
CA LYS A 157 17.29 18.07 0.03
C LYS A 157 16.74 19.37 -0.58
N GLN A 158 15.48 19.67 -0.31
CA GLN A 158 14.88 20.90 -0.82
C GLN A 158 15.30 22.12 0.00
N LYS A 159 15.88 21.88 1.18
CA LYS A 159 16.40 22.95 2.03
C LYS A 159 17.73 22.58 2.67
N SER A 160 18.57 23.59 2.91
CA SER A 160 19.85 23.40 3.58
C SER A 160 19.68 22.99 5.04
N SER A 161 20.69 22.29 5.57
CA SER A 161 20.77 21.96 6.99
C SER A 161 21.41 23.16 7.69
N ASN A 162 21.44 23.17 9.02
CA ASN A 162 22.14 24.24 9.72
C ASN A 162 23.64 24.21 9.45
N SER A 163 24.16 23.02 9.13
CA SER A 163 25.59 22.83 8.94
C SER A 163 25.95 22.47 7.50
N ARG A 164 24.95 21.96 6.76
CA ARG A 164 25.19 21.48 5.39
C ARG A 164 24.37 22.24 4.33
N LYS A 165 25.04 23.09 3.56
CA LYS A 165 24.39 23.82 2.46
C LYS A 165 23.95 22.84 1.36
N LYS A 166 22.79 23.11 0.76
CA LYS A 166 22.19 22.17 -0.21
C LYS A 166 22.76 22.29 -1.62
N ARG A 167 23.43 23.41 -1.88
CA ARG A 167 24.07 23.62 -3.18
C ARG A 167 25.59 23.57 -3.04
N SER A 168 26.27 23.11 -4.08
CA SER A 168 27.73 23.15 -4.12
C SER A 168 28.21 24.56 -4.41
N THR A 169 29.50 24.78 -4.20
CA THR A 169 30.12 26.06 -4.49
C THR A 169 29.82 26.45 -5.93
N SER A 170 29.63 27.75 -6.16
CA SER A 170 29.36 28.26 -7.50
C SER A 170 30.57 28.12 -8.42
N ALA A 171 31.74 27.95 -7.82
CA ALA A 171 32.99 27.80 -8.58
C ALA A 171 33.07 26.46 -9.31
N GLY A 172 33.41 26.51 -10.59
CA GLY A 172 33.60 25.30 -11.36
C GLY A 172 32.31 24.76 -11.95
N PRO A 173 32.35 23.50 -12.41
CA PRO A 173 31.23 22.90 -13.15
C PRO A 173 30.03 22.60 -12.26
N THR A 174 28.84 22.86 -12.77
CA THR A 174 27.61 22.47 -12.10
C THR A 174 26.84 21.55 -13.03
N VAL A 175 26.72 20.28 -12.65
CA VAL A 175 25.94 19.35 -13.44
C VAL A 175 24.48 19.70 -13.25
N PRO A 176 23.72 19.80 -14.35
CA PRO A 176 22.33 20.23 -14.21
C PRO A 176 21.54 19.29 -13.29
N ASP A 177 21.02 19.85 -12.20
CA ASP A 177 20.21 19.08 -11.23
C ASP A 177 19.23 20.08 -10.63
N ARG A 178 18.25 20.49 -11.44
CA ARG A 178 17.35 21.59 -11.11
C ARG A 178 16.61 21.43 -9.76
N ASP A 179 16.26 20.19 -9.41
CA ASP A 179 15.52 19.95 -8.17
C ASP A 179 16.38 19.48 -7.00
N ASN A 180 17.70 19.39 -7.21
CA ASN A 180 18.61 19.01 -6.13
C ASN A 180 18.36 17.62 -5.57
N ASP A 181 17.84 16.69 -6.38
CA ASP A 181 17.65 15.36 -5.78
C ASP A 181 18.88 14.48 -6.00
N GLY A 182 19.79 14.95 -6.84
CA GLY A 182 21.00 14.20 -7.10
C GLY A 182 21.03 13.52 -8.45
N ILE A 183 19.87 13.34 -9.08
CA ILE A 183 19.84 12.73 -10.41
C ILE A 183 19.89 13.84 -11.45
N PRO A 184 20.90 13.82 -12.34
CA PRO A 184 21.06 14.85 -13.38
C PRO A 184 19.80 15.02 -14.22
N ASP A 185 19.46 16.26 -14.59
CA ASP A 185 18.26 16.51 -15.39
C ASP A 185 18.10 15.52 -16.55
N SER A 186 19.17 15.33 -17.31
CA SER A 186 19.10 14.57 -18.55
C SER A 186 18.70 13.12 -18.32
N LEU A 187 19.19 12.53 -17.22
CA LEU A 187 18.82 11.15 -16.93
C LEU A 187 17.35 11.04 -16.56
N GLU A 188 16.85 11.97 -15.76
CA GLU A 188 15.46 11.88 -15.30
C GLU A 188 14.49 11.96 -16.47
N VAL A 189 14.84 12.78 -17.46
CA VAL A 189 14.00 12.97 -18.62
C VAL A 189 14.12 11.84 -19.61
N GLU A 190 15.35 11.42 -19.91
CA GLU A 190 15.58 10.44 -20.97
C GLU A 190 15.41 8.99 -20.54
N GLY A 191 15.53 8.73 -19.24
CA GLY A 191 15.31 7.39 -18.74
C GLY A 191 16.59 6.83 -18.13
N TYR A 192 16.46 6.19 -16.98
CA TYR A 192 17.61 5.64 -16.28
C TYR A 192 17.29 4.29 -15.65
N THR A 193 18.34 3.56 -15.33
CA THR A 193 18.22 2.28 -14.69
C THR A 193 19.07 2.30 -13.44
N VAL A 194 18.70 1.47 -12.47
CA VAL A 194 19.49 1.36 -11.27
C VAL A 194 19.92 -0.08 -11.14
N ASP A 195 21.21 -0.27 -10.87
CA ASP A 195 21.77 -1.60 -10.76
C ASP A 195 22.58 -1.68 -9.48
N VAL A 196 22.52 -2.82 -8.82
CA VAL A 196 23.24 -3.01 -7.57
C VAL A 196 24.52 -3.81 -7.78
N LYS A 197 25.61 -3.29 -7.21
CA LYS A 197 26.81 -4.09 -7.00
C LYS A 197 26.62 -4.76 -5.65
N ASN A 198 27.72 -5.13 -5.02
CA ASN A 198 27.65 -5.75 -3.69
C ASN A 198 27.66 -4.70 -2.59
N LYS A 199 28.15 -3.50 -2.93
CA LYS A 199 28.31 -2.45 -1.94
C LYS A 199 27.65 -1.15 -2.36
N ARG A 200 27.29 -1.06 -3.64
CA ARG A 200 26.92 0.23 -4.23
C ARG A 200 25.82 0.10 -5.28
N THR A 201 25.07 1.19 -5.46
CA THR A 201 24.05 1.27 -6.49
C THR A 201 24.54 2.19 -7.60
N PHE A 202 24.51 1.72 -8.84
CA PHE A 202 24.87 2.54 -10.00
C PHE A 202 23.62 3.02 -10.69
N LEU A 203 23.54 4.31 -10.92
CA LEU A 203 22.47 4.86 -11.72
C LEU A 203 23.02 5.25 -13.11
N SER A 204 22.39 4.71 -14.15
CA SER A 204 22.90 4.85 -15.51
C SER A 204 21.78 5.11 -16.51
N PRO A 205 22.12 5.61 -17.71
CA PRO A 205 21.14 5.86 -18.77
C PRO A 205 20.50 4.55 -19.19
N TRP A 206 19.19 4.57 -19.44
CA TRP A 206 18.51 3.41 -20.01
C TRP A 206 18.98 3.19 -21.43
N ILE A 207 19.28 1.93 -21.76
CA ILE A 207 19.62 1.55 -23.12
C ILE A 207 18.83 0.31 -23.50
N SER A 208 17.97 0.47 -24.51
CA SER A 208 17.05 -0.58 -24.94
C SER A 208 17.68 -1.96 -25.07
N ASN A 209 18.64 -2.08 -25.99
CA ASN A 209 19.14 -3.38 -26.41
C ASN A 209 19.96 -4.14 -25.37
N ILE A 210 20.17 -3.54 -24.20
CA ILE A 210 20.92 -4.20 -23.13
C ILE A 210 20.09 -4.38 -21.87
N HIS A 211 19.30 -3.37 -21.53
CA HIS A 211 18.59 -3.36 -20.26
C HIS A 211 17.23 -4.06 -20.32
N GLU A 212 16.53 -3.94 -21.45
CA GLU A 212 15.23 -4.56 -21.60
C GLU A 212 15.26 -6.08 -21.41
N LYS A 213 16.24 -6.75 -22.03
CA LYS A 213 16.37 -8.19 -21.90
C LYS A 213 16.70 -8.62 -20.47
N LYS A 214 17.44 -7.76 -19.75
CA LYS A 214 17.81 -8.06 -18.38
C LYS A 214 16.65 -7.86 -17.40
N GLY A 215 15.50 -7.48 -17.93
CA GLY A 215 14.32 -7.25 -17.10
C GLY A 215 14.44 -6.07 -16.14
N LEU A 216 15.44 -5.22 -16.34
CA LEU A 216 15.64 -4.04 -15.50
C LEU A 216 14.47 -3.06 -15.63
N THR A 217 14.25 -2.25 -14.59
CA THR A 217 13.18 -1.27 -14.62
C THR A 217 13.65 0.04 -15.26
N LYS A 218 12.88 0.53 -16.24
CA LYS A 218 13.17 1.81 -16.85
C LYS A 218 12.50 2.95 -16.08
N TYR A 219 13.29 3.77 -15.42
CA TYR A 219 12.75 4.90 -14.66
C TYR A 219 12.80 6.20 -15.45
N LYS A 220 11.74 6.98 -15.34
CA LYS A 220 11.79 8.39 -15.75
C LYS A 220 11.19 9.16 -14.57
N SER A 221 11.60 10.40 -14.40
CA SER A 221 11.06 11.21 -13.31
C SER A 221 11.17 12.69 -13.71
N SER A 222 10.55 13.58 -12.96
CA SER A 222 10.65 15.00 -13.30
C SER A 222 11.96 15.58 -12.79
N PRO A 223 12.70 16.29 -13.66
CA PRO A 223 13.95 16.95 -13.26
C PRO A 223 13.70 18.21 -12.44
N GLU A 224 12.43 18.59 -12.25
CA GLU A 224 12.09 19.79 -11.47
C GLU A 224 11.24 19.49 -10.22
N LYS A 225 10.98 18.21 -9.99
CA LYS A 225 10.34 17.80 -8.75
C LYS A 225 11.28 16.87 -8.00
N TRP A 226 11.70 17.30 -6.83
CA TRP A 226 12.59 16.53 -5.97
C TRP A 226 11.96 15.17 -5.66
N SER A 227 10.67 15.16 -5.31
CA SER A 227 9.87 13.92 -5.34
C SER A 227 8.83 14.09 -6.43
N THR A 228 8.91 13.24 -7.44
CA THR A 228 8.03 13.38 -8.60
C THR A 228 6.57 13.05 -8.22
N ALA A 229 6.37 12.17 -7.24
CA ALA A 229 5.02 11.87 -6.74
C ALA A 229 4.52 12.87 -5.70
N SER A 230 5.33 13.89 -5.43
CA SER A 230 5.05 14.91 -4.41
C SER A 230 4.98 14.33 -3.00
N ASP A 231 5.67 13.23 -2.77
CA ASP A 231 5.70 12.61 -1.45
C ASP A 231 7.01 13.00 -0.72
N PRO A 232 7.25 12.48 0.50
CA PRO A 232 8.38 13.03 1.26
C PRO A 232 9.73 12.37 0.97
N TYR A 233 9.78 11.49 -0.02
CA TYR A 233 11.03 10.79 -0.33
C TYR A 233 11.48 11.17 -1.72
N SER A 234 12.76 11.48 -1.87
CA SER A 234 13.24 11.99 -3.15
C SER A 234 13.38 10.89 -4.22
N ASP A 235 13.35 11.31 -5.48
CA ASP A 235 13.46 10.34 -6.59
C ASP A 235 14.74 9.51 -6.43
N PHE A 236 15.81 10.17 -6.00
CA PHE A 236 17.10 9.52 -5.78
C PHE A 236 17.11 8.65 -4.52
N GLU A 237 16.49 9.14 -3.44
CA GLU A 237 16.36 8.36 -2.20
C GLU A 237 15.66 7.05 -2.48
N LYS A 238 14.59 7.13 -3.29
CA LYS A 238 13.84 5.95 -3.63
C LYS A 238 14.65 4.92 -4.39
N VAL A 239 15.27 5.34 -5.49
CA VAL A 239 15.88 4.38 -6.40
C VAL A 239 17.21 3.86 -5.85
N THR A 240 17.79 4.58 -4.89
CA THR A 240 19.05 4.14 -4.27
C THR A 240 18.89 3.47 -2.91
N GLY A 241 17.66 3.32 -2.42
CA GLY A 241 17.47 2.61 -1.17
C GLY A 241 17.77 3.47 0.05
N ARG A 242 17.93 4.76 -0.17
CA ARG A 242 18.16 5.69 0.93
C ARG A 242 16.82 6.15 1.51
N ILE A 243 16.13 5.20 2.12
CA ILE A 243 14.72 5.36 2.44
C ILE A 243 14.29 4.40 3.53
N ASP A 244 13.30 4.84 4.32
CA ASP A 244 12.61 4.01 5.29
C ASP A 244 12.35 2.61 4.70
N LYS A 245 12.87 1.59 5.36
CA LYS A 245 12.70 0.23 4.83
C LYS A 245 11.24 -0.24 4.82
N ASN A 246 10.37 0.47 5.53
CA ASN A 246 8.97 0.09 5.62
C ASN A 246 8.14 0.63 4.46
N VAL A 247 8.74 1.50 3.67
CA VAL A 247 8.06 1.97 2.46
C VAL A 247 7.84 0.78 1.51
N SER A 248 6.61 0.65 1.01
CA SER A 248 6.27 -0.43 0.08
C SER A 248 7.22 -0.52 -1.11
N PRO A 249 7.51 -1.75 -1.57
CA PRO A 249 8.42 -1.93 -2.70
C PRO A 249 7.97 -1.16 -3.95
N GLU A 250 6.66 -1.14 -4.24
CA GLU A 250 6.21 -0.44 -5.44
C GLU A 250 6.42 1.07 -5.35
N ALA A 251 6.45 1.58 -4.12
CA ALA A 251 6.63 3.01 -3.94
C ALA A 251 8.10 3.40 -3.85
N ARG A 252 9.00 2.47 -4.17
CA ARG A 252 10.40 2.82 -4.47
C ARG A 252 10.57 3.31 -5.90
N HIS A 253 9.48 3.32 -6.66
CA HIS A 253 9.50 3.86 -8.00
C HIS A 253 9.17 5.35 -7.88
N PRO A 254 9.94 6.22 -8.54
CA PRO A 254 9.69 7.65 -8.41
C PRO A 254 8.31 8.10 -8.89
N LEU A 255 7.61 7.28 -9.68
CA LEU A 255 6.27 7.64 -10.17
C LEU A 255 5.12 7.08 -9.30
N VAL A 256 5.46 6.33 -8.26
CA VAL A 256 4.44 5.76 -7.36
C VAL A 256 4.47 6.47 -6.00
N ALA A 257 3.35 7.05 -5.59
CA ALA A 257 3.31 7.80 -4.33
C ALA A 257 3.44 6.90 -3.08
N ALA A 258 4.27 7.33 -2.14
CA ALA A 258 4.44 6.64 -0.85
C ALA A 258 3.73 7.43 0.23
N TYR A 259 2.64 6.87 0.76
CA TYR A 259 1.85 7.56 1.78
C TYR A 259 0.97 6.53 2.53
N PRO A 260 0.63 6.82 3.79
CA PRO A 260 -0.17 5.84 4.53
C PRO A 260 -1.63 5.93 4.08
N ILE A 261 -2.35 4.81 4.24
CA ILE A 261 -3.79 4.75 4.03
C ILE A 261 -4.34 3.84 5.12
N VAL A 262 -5.16 4.42 5.99
CA VAL A 262 -5.55 3.70 7.20
C VAL A 262 -7.05 3.59 7.35
N HIS A 263 -7.52 2.41 7.74
CA HIS A 263 -8.90 2.25 8.16
C HIS A 263 -8.91 1.35 9.38
N VAL A 264 -10.08 1.23 10.00
CA VAL A 264 -10.21 0.38 11.18
C VAL A 264 -10.97 -0.88 10.85
N ASP A 265 -10.50 -2.02 11.36
CA ASP A 265 -11.14 -3.30 11.16
C ASP A 265 -11.70 -3.76 12.50
N MET A 266 -13.03 -3.88 12.57
CA MET A 266 -13.66 -4.38 13.78
C MET A 266 -13.89 -5.87 13.62
N GLU A 267 -13.43 -6.65 14.61
CA GLU A 267 -13.45 -8.12 14.54
C GLU A 267 -14.64 -8.76 15.26
N ASN A 268 -15.11 -8.09 16.32
CA ASN A 268 -16.27 -8.55 17.05
C ASN A 268 -16.82 -7.48 17.96
N ILE A 269 -18.00 -7.74 18.50
CA ILE A 269 -18.71 -6.74 19.29
C ILE A 269 -19.45 -7.43 20.44
N ILE A 270 -19.63 -6.70 21.55
CA ILE A 270 -20.42 -7.18 22.68
C ILE A 270 -21.35 -6.06 23.06
N LEU A 271 -22.66 -6.33 23.07
CA LEU A 271 -23.64 -5.36 23.50
C LEU A 271 -24.16 -5.74 24.89
N SER A 272 -24.41 -4.73 25.71
CA SER A 272 -24.97 -5.00 27.02
C SER A 272 -25.76 -3.82 27.53
N LYS A 273 -26.58 -4.10 28.53
CA LYS A 273 -27.43 -3.07 29.07
C LYS A 273 -26.61 -2.20 30.01
N ASN A 274 -26.67 -0.89 29.81
CA ASN A 274 -25.99 0.02 30.73
C ASN A 274 -26.58 -0.03 32.12
N GLU A 275 -25.70 -0.05 33.12
CA GLU A 275 -26.12 0.12 34.50
C GLU A 275 -26.78 1.48 34.60
N ASP A 276 -27.76 1.60 35.48
CA ASP A 276 -28.46 2.85 35.67
CA ASP A 276 -28.46 2.85 35.67
C ASP A 276 -28.56 3.17 37.16
N GLN A 277 -28.58 4.45 37.50
CA GLN A 277 -28.65 4.89 38.89
C GLN A 277 -29.82 4.28 39.67
N SER A 278 -30.95 4.07 39.00
CA SER A 278 -32.14 3.57 39.69
C SER A 278 -32.01 2.10 40.13
N THR A 279 -31.21 1.33 39.40
CA THR A 279 -31.00 -0.08 39.69
C THR A 279 -29.78 -0.28 40.60
N GLN A 280 -30.02 -0.55 41.87
CA GLN A 280 -28.93 -0.85 42.79
C GLN A 280 -28.35 -2.24 42.58
N ASN A 281 -29.16 -3.12 41.97
CA ASN A 281 -28.78 -4.51 41.79
C ASN A 281 -27.81 -4.74 40.64
N THR A 282 -26.61 -5.21 40.97
CA THR A 282 -25.59 -5.46 39.96
C THR A 282 -25.14 -6.92 39.98
N ASP A 283 -25.93 -7.77 40.64
CA ASP A 283 -25.57 -9.18 40.75
C ASP A 283 -26.34 -10.08 39.79
N SER A 284 -27.10 -9.47 38.87
CA SER A 284 -27.93 -10.24 37.95
C SER A 284 -27.07 -11.03 36.94
N GLN A 285 -27.69 -11.99 36.27
CA GLN A 285 -26.97 -12.86 35.35
C GLN A 285 -26.47 -12.07 34.15
N THR A 286 -25.42 -12.56 33.50
CA THR A 286 -24.95 -11.95 32.25
C THR A 286 -26.05 -12.02 31.17
N ARG A 287 -26.31 -10.90 30.51
CA ARG A 287 -27.34 -10.86 29.48
C ARG A 287 -26.84 -10.06 28.28
N THR A 288 -25.58 -10.28 27.94
CA THR A 288 -24.95 -9.58 26.82
C THR A 288 -25.21 -10.27 25.49
N ILE A 289 -24.93 -9.57 24.40
CA ILE A 289 -25.07 -10.11 23.07
C ILE A 289 -23.71 -9.99 22.40
N SER A 290 -23.08 -11.12 22.11
CA SER A 290 -21.77 -11.12 21.49
C SER A 290 -21.87 -11.64 20.08
N LYS A 291 -21.30 -10.89 19.13
CA LYS A 291 -21.37 -11.29 17.73
C LYS A 291 -20.03 -11.06 17.06
N ASN A 292 -19.68 -11.93 16.11
CA ASN A 292 -18.55 -11.60 15.23
C ASN A 292 -18.95 -10.55 14.20
N THR A 293 -17.96 -9.82 13.70
CA THR A 293 -18.22 -8.80 12.70
C THR A 293 -17.22 -8.91 11.56
N SER A 294 -17.63 -8.46 10.39
CA SER A 294 -16.76 -8.43 9.23
CA SER A 294 -16.79 -8.45 9.22
C SER A 294 -16.68 -7.00 8.75
N THR A 295 -15.46 -6.50 8.58
CA THR A 295 -15.27 -5.11 8.18
C THR A 295 -14.50 -5.01 6.86
N SER A 296 -14.95 -4.13 5.97
CA SER A 296 -14.24 -3.84 4.74
C SER A 296 -14.05 -2.36 4.54
N ARG A 297 -12.86 -1.97 4.08
CA ARG A 297 -12.63 -0.61 3.59
C ARG A 297 -13.51 -0.35 2.36
N THR A 298 -14.11 0.82 2.28
CA THR A 298 -15.06 1.06 1.20
C THR A 298 -14.58 2.11 0.19
N HIS A 299 -15.30 2.24 -0.91
CA HIS A 299 -15.12 3.37 -1.82
C HIS A 299 -16.47 3.73 -2.42
N THR A 300 -16.89 4.97 -2.24
CA THR A 300 -18.15 5.43 -2.82
C THR A 300 -17.90 6.53 -3.85
N ALA A 322 -14.41 6.17 -9.34
CA ALA A 322 -15.74 6.71 -9.54
C ALA A 322 -16.03 7.85 -8.57
N GLY A 323 -15.49 7.74 -7.36
CA GLY A 323 -15.56 8.83 -6.38
C GLY A 323 -14.27 9.62 -6.39
N PHE A 324 -14.30 10.83 -5.83
CA PHE A 324 -13.10 11.65 -5.76
C PHE A 324 -12.83 12.14 -4.33
N SER A 325 -13.44 11.45 -3.37
CA SER A 325 -13.16 11.71 -1.97
C SER A 325 -11.87 11.00 -1.56
N ASN A 326 -11.07 11.68 -0.75
CA ASN A 326 -9.86 11.04 -0.22
C ASN A 326 -10.05 10.56 1.21
N SER A 327 -11.31 10.31 1.56
CA SER A 327 -11.66 9.88 2.91
C SER A 327 -11.29 8.42 3.17
N ASN A 328 -11.07 8.09 4.44
CA ASN A 328 -10.91 6.70 4.86
C ASN A 328 -12.22 6.27 5.50
N SER A 329 -12.80 5.18 5.04
CA SER A 329 -13.99 4.67 5.69
C SER A 329 -14.06 3.17 5.56
N SER A 330 -14.66 2.53 6.57
CA SER A 330 -14.90 1.10 6.51
C SER A 330 -16.31 0.84 7.04
N THR A 331 -16.91 -0.23 6.55
CA THR A 331 -18.26 -0.59 6.96
C THR A 331 -18.24 -1.95 7.63
N VAL A 332 -18.94 -2.05 8.74
CA VAL A 332 -18.92 -3.25 9.57
C VAL A 332 -20.25 -3.99 9.46
N ALA A 333 -20.18 -5.28 9.10
CA ALA A 333 -21.38 -6.11 9.07
C ALA A 333 -21.42 -6.99 10.30
N ILE A 334 -22.50 -6.86 11.08
CA ILE A 334 -22.66 -7.67 12.29
C ILE A 334 -23.33 -9.00 11.95
N ASP A 335 -22.70 -10.08 12.36
CA ASP A 335 -23.22 -11.44 12.12
CA ASP A 335 -23.21 -11.42 12.09
C ASP A 335 -24.70 -11.56 12.47
N HIS A 336 -25.49 -12.15 11.57
CA HIS A 336 -26.92 -12.38 11.82
C HIS A 336 -27.20 -13.84 12.17
N CYS A 337 -26.19 -14.69 12.03
CA CYS A 337 -26.32 -16.10 12.35
C CYS A 337 -26.71 -16.34 13.81
N LEU A 338 -27.46 -17.42 14.05
CA LEU A 338 -27.88 -17.83 15.39
C LEU A 338 -26.75 -17.94 16.42
N SER A 339 -26.94 -17.33 17.59
CA SER A 339 -25.88 -17.21 18.59
C SER A 339 -26.38 -17.57 19.99
N LEU A 340 -27.67 -17.33 20.23
CA LEU A 340 -28.26 -17.56 21.54
C LEU A 340 -29.53 -18.40 21.38
N ALA A 341 -29.87 -19.18 22.40
CA ALA A 341 -31.08 -19.98 22.37
C ALA A 341 -32.30 -19.07 22.24
N GLY A 342 -33.39 -19.61 21.70
CA GLY A 342 -34.59 -18.81 21.45
C GLY A 342 -34.50 -17.95 20.19
N GLU A 343 -35.60 -17.26 19.91
CA GLU A 343 -35.64 -16.29 18.80
C GLU A 343 -36.08 -14.94 19.35
N ARG A 344 -35.49 -14.53 20.46
CA ARG A 344 -35.88 -13.30 21.12
C ARG A 344 -35.38 -12.08 20.35
N THR A 345 -36.03 -10.94 20.58
CA THR A 345 -35.51 -9.67 20.10
C THR A 345 -34.26 -9.36 20.91
N TRP A 346 -33.45 -8.42 20.44
CA TRP A 346 -32.26 -8.03 21.18
C TRP A 346 -32.63 -7.43 22.52
N ALA A 347 -33.71 -6.65 22.53
CA ALA A 347 -34.16 -6.01 23.77
C ALA A 347 -34.62 -7.08 24.77
N GLU A 348 -35.40 -8.05 24.28
CA GLU A 348 -35.82 -9.20 25.09
C GLU A 348 -34.60 -9.91 25.66
N THR A 349 -33.61 -10.16 24.83
CA THR A 349 -32.43 -10.87 25.25
C THR A 349 -31.71 -10.14 26.38
N MET A 350 -31.61 -8.82 26.27
CA MET A 350 -30.81 -8.04 27.22
C MET A 350 -31.65 -7.47 28.34
N GLY A 351 -32.96 -7.59 28.23
CA GLY A 351 -33.86 -7.04 29.22
C GLY A 351 -33.88 -5.52 29.18
N LEU A 352 -33.83 -4.99 27.96
CA LEU A 352 -33.84 -3.55 27.74
C LEU A 352 -35.27 -3.03 27.64
N ASN A 353 -35.63 -2.08 28.49
CA ASN A 353 -36.93 -1.42 28.39
C ASN A 353 -36.78 -0.14 27.61
N THR A 354 -37.90 0.46 27.20
CA THR A 354 -37.90 1.62 26.33
C THR A 354 -37.14 2.82 26.91
N ALA A 355 -36.83 2.78 28.19
CA ALA A 355 -36.15 3.90 28.84
C ALA A 355 -34.69 3.57 29.17
N ASP A 356 -34.28 2.34 28.89
CA ASP A 356 -32.90 1.91 29.16
C ASP A 356 -31.96 2.35 28.04
N THR A 357 -30.67 2.27 28.33
CA THR A 357 -29.65 2.48 27.30
C THR A 357 -28.76 1.25 27.24
N ALA A 358 -28.08 1.08 26.10
CA ALA A 358 -27.21 -0.06 25.85
C ALA A 358 -25.80 0.43 25.52
N ARG A 359 -24.84 -0.46 25.73
CA ARG A 359 -23.43 -0.17 25.62
C ARG A 359 -22.81 -1.12 24.62
N LEU A 360 -21.81 -0.66 23.88
CA LEU A 360 -21.11 -1.52 22.94
C LEU A 360 -19.62 -1.52 23.23
N ASN A 361 -19.02 -2.71 23.26
CA ASN A 361 -17.57 -2.85 23.29
C ASN A 361 -17.19 -3.64 22.05
N ALA A 362 -15.95 -3.55 21.60
CA ALA A 362 -15.54 -4.27 20.39
C ALA A 362 -14.03 -4.41 20.33
N ASN A 363 -13.57 -5.36 19.54
CA ASN A 363 -12.16 -5.51 19.28
C ASN A 363 -11.87 -4.97 17.88
N ILE A 364 -10.85 -4.12 17.78
CA ILE A 364 -10.46 -3.54 16.51
C ILE A 364 -8.96 -3.62 16.30
N ARG A 365 -8.56 -3.48 15.03
CA ARG A 365 -7.18 -3.18 14.66
C ARG A 365 -7.18 -2.09 13.61
N TYR A 366 -6.08 -1.36 13.54
CA TYR A 366 -5.85 -0.41 12.46
C TYR A 366 -5.20 -1.13 11.31
N VAL A 367 -5.61 -0.78 10.08
CA VAL A 367 -5.06 -1.43 8.89
C VAL A 367 -4.42 -0.39 7.97
N ASN A 368 -3.13 -0.57 7.64
CA ASN A 368 -2.44 0.28 6.67
C ASN A 368 -2.41 -0.44 5.33
N THR A 369 -3.21 0.04 4.38
CA THR A 369 -3.25 -0.54 3.03
C THR A 369 -2.53 0.37 2.02
N GLY A 370 -1.80 1.37 2.54
CA GLY A 370 -1.09 2.35 1.74
C GLY A 370 0.33 1.90 1.52
N THR A 371 1.23 2.86 1.36
CA THR A 371 2.58 2.54 0.86
C THR A 371 3.69 3.14 1.73
N ALA A 372 3.28 3.79 2.81
CA ALA A 372 4.25 4.33 3.79
C ALA A 372 3.73 4.12 5.22
N PRO A 373 4.66 3.95 6.19
CA PRO A 373 4.37 3.65 7.59
C PRO A 373 3.95 4.88 8.39
N ILE A 374 3.28 4.62 9.50
CA ILE A 374 2.98 5.63 10.51
C ILE A 374 3.74 5.30 11.79
N TYR A 375 4.22 6.35 12.45
CA TYR A 375 5.10 6.22 13.61
C TYR A 375 4.53 6.76 14.91
N ASN A 376 3.92 7.94 14.88
CA ASN A 376 3.59 8.58 16.16
C ASN A 376 2.21 9.22 16.32
N VAL A 377 1.35 9.08 15.31
CA VAL A 377 -0.04 9.47 15.47
C VAL A 377 -0.94 8.56 14.65
N LEU A 378 -1.83 7.82 15.32
CA LEU A 378 -2.89 7.09 14.61
C LEU A 378 -4.04 8.04 14.36
N PRO A 379 -4.68 7.90 13.20
CA PRO A 379 -5.75 8.83 12.85
C PRO A 379 -6.96 8.62 13.76
N THR A 380 -7.80 9.64 13.89
CA THR A 380 -8.97 9.57 14.75
C THR A 380 -10.17 8.99 13.98
N THR A 381 -11.01 8.21 14.65
CA THR A 381 -12.09 7.51 13.96
C THR A 381 -13.43 7.82 14.63
N SER A 382 -14.47 8.05 13.82
CA SER A 382 -15.83 8.15 14.34
C SER A 382 -16.55 6.85 14.09
N LEU A 383 -17.23 6.34 15.11
CA LEU A 383 -18.05 5.15 14.92
C LEU A 383 -19.50 5.63 14.75
N VAL A 384 -20.10 5.25 13.64
CA VAL A 384 -21.36 5.85 13.19
C VAL A 384 -22.47 4.84 12.95
N LEU A 385 -23.62 5.12 13.53
CA LEU A 385 -24.84 4.37 13.34
C LEU A 385 -25.71 5.06 12.30
N GLY A 386 -26.26 4.29 11.36
CA GLY A 386 -27.09 4.85 10.32
C GLY A 386 -26.29 5.82 9.48
N LYS A 387 -26.93 6.87 9.00
CA LYS A 387 -26.25 7.81 8.11
C LYS A 387 -25.24 8.68 8.86
N ASN A 388 -25.64 9.20 10.01
CA ASN A 388 -24.82 10.18 10.68
C ASN A 388 -25.02 10.27 12.19
N GLN A 389 -25.27 9.14 12.84
CA GLN A 389 -25.32 9.15 14.30
C GLN A 389 -24.00 8.67 14.90
N THR A 390 -23.14 9.61 15.27
CA THR A 390 -21.85 9.26 15.86
C THR A 390 -22.04 8.71 17.27
N LEU A 391 -21.60 7.47 17.47
CA LEU A 391 -21.73 6.80 18.75
C LEU A 391 -20.48 6.97 19.60
N ALA A 392 -19.35 7.17 18.95
CA ALA A 392 -18.09 7.20 19.66
C ALA A 392 -17.02 7.85 18.79
N THR A 393 -16.02 8.42 19.46
CA THR A 393 -14.79 8.88 18.80
C THR A 393 -13.65 8.02 19.33
N ILE A 394 -12.96 7.33 18.42
CA ILE A 394 -11.92 6.40 18.82
C ILE A 394 -10.56 7.07 18.59
N LYS A 395 -9.81 7.24 19.67
CA LYS A 395 -8.51 7.91 19.60
C LYS A 395 -7.43 7.07 20.27
N ALA A 396 -6.24 7.06 19.69
CA ALA A 396 -5.08 6.47 20.34
C ALA A 396 -4.22 7.60 20.93
N LYS A 397 -3.30 7.26 21.83
CA LYS A 397 -2.46 8.27 22.46
C LYS A 397 -1.29 8.68 21.56
N GLU A 398 -1.21 9.97 21.25
CA GLU A 398 -0.14 10.49 20.38
C GLU A 398 1.23 10.22 20.97
N ASN A 399 2.17 9.84 20.12
CA ASN A 399 3.57 9.66 20.51
C ASN A 399 3.76 8.52 21.49
N GLN A 400 2.73 7.71 21.64
CA GLN A 400 2.79 6.57 22.55
C GLN A 400 2.41 5.27 21.87
N LEU A 401 2.67 5.19 20.56
CA LEU A 401 2.41 3.97 19.79
C LEU A 401 3.33 2.84 20.25
N SER A 402 2.79 1.64 20.28
CA SER A 402 3.50 0.45 20.76
C SER A 402 4.35 -0.20 19.67
N GLN A 403 4.12 0.22 18.43
CA GLN A 403 4.82 -0.32 17.26
C GLN A 403 4.61 0.63 16.07
N ILE A 404 5.34 0.39 14.98
CA ILE A 404 5.09 1.07 13.73
C ILE A 404 3.78 0.50 13.18
N LEU A 405 3.04 1.29 12.43
CA LEU A 405 1.95 0.76 11.63
C LEU A 405 2.42 0.76 10.18
N ALA A 406 2.88 -0.40 9.75
CA ALA A 406 3.52 -0.60 8.45
C ALA A 406 2.51 -0.89 7.34
N PRO A 407 2.86 -0.52 6.11
CA PRO A 407 2.04 -0.88 4.93
C PRO A 407 1.79 -2.38 4.90
N ASN A 408 0.62 -2.77 4.39
CA ASN A 408 0.25 -4.18 4.33
C ASN A 408 0.31 -4.84 5.70
N ASN A 409 -0.05 -4.08 6.74
CA ASN A 409 0.02 -4.60 8.09
C ASN A 409 -1.00 -3.96 9.01
N TYR A 410 -0.99 -4.38 10.27
CA TYR A 410 -2.03 -4.05 11.22
C TYR A 410 -1.41 -3.43 12.46
N TYR A 411 -2.21 -2.68 13.20
CA TYR A 411 -1.83 -2.21 14.53
C TYR A 411 -2.97 -2.54 15.50
N PRO A 412 -2.70 -3.40 16.51
CA PRO A 412 -1.46 -4.12 16.76
C PRO A 412 -1.27 -5.18 15.72
N SER A 413 -0.05 -5.69 15.60
CA SER A 413 0.22 -6.83 14.71
C SER A 413 -0.67 -8.00 15.02
N LYS A 414 -0.95 -8.80 13.99
CA LYS A 414 -1.85 -9.93 14.08
C LYS A 414 -1.40 -10.98 15.09
N ASN A 415 -0.10 -11.00 15.41
CA ASN A 415 0.41 -11.93 16.41
C ASN A 415 0.17 -11.46 17.86
N LEU A 416 -0.50 -10.33 18.01
CA LEU A 416 -0.78 -9.73 19.32
C LEU A 416 -2.28 -9.55 19.49
N ALA A 417 -2.73 -9.36 20.72
CA ALA A 417 -4.15 -9.14 20.96
C ALA A 417 -4.61 -7.85 20.26
N PRO A 418 -5.88 -7.82 19.83
CA PRO A 418 -6.42 -6.60 19.23
C PRO A 418 -6.67 -5.54 20.30
N ILE A 419 -7.07 -4.35 19.87
CA ILE A 419 -7.43 -3.28 20.79
C ILE A 419 -8.91 -3.38 21.14
N ALA A 420 -9.24 -3.38 22.43
CA ALA A 420 -10.63 -3.29 22.86
C ALA A 420 -11.02 -1.83 23.00
N LEU A 421 -12.18 -1.46 22.46
CA LEU A 421 -12.60 -0.06 22.52
C LEU A 421 -12.69 0.45 23.97
N ASN A 422 -13.18 -0.39 24.87
CA ASN A 422 -13.06 -0.15 26.30
C ASN A 422 -12.08 -1.17 26.86
N ALA A 423 -10.83 -0.78 27.02
CA ALA A 423 -9.79 -1.68 27.49
C ALA A 423 -9.89 -1.96 28.98
N GLN A 424 -9.56 -3.19 29.36
CA GLN A 424 -9.74 -3.70 30.71
C GLN A 424 -9.01 -2.90 31.77
N ASP A 425 -7.81 -2.46 31.44
CA ASP A 425 -7.03 -1.66 32.38
C ASP A 425 -7.63 -0.25 32.50
N ASP A 426 -7.86 0.34 31.33
CA ASP A 426 -8.16 1.75 31.12
C ASP A 426 -9.37 2.31 31.87
N PHE A 427 -9.11 3.11 32.90
CA PHE A 427 -10.20 3.69 33.68
C PHE A 427 -11.00 4.72 32.92
N SER A 428 -10.39 5.31 31.89
CA SER A 428 -10.98 6.48 31.28
C SER A 428 -11.55 6.26 29.88
N SER A 429 -11.82 5.02 29.54
CA SER A 429 -12.45 4.73 28.26
C SER A 429 -13.94 5.12 28.28
N THR A 430 -14.36 5.97 27.35
CA THR A 430 -15.75 6.40 27.27
C THR A 430 -16.69 5.26 26.82
N PRO A 431 -17.80 5.06 27.56
CA PRO A 431 -18.78 4.05 27.17
C PRO A 431 -19.41 4.43 25.85
N ILE A 432 -19.55 3.46 24.96
CA ILE A 432 -20.19 3.71 23.68
C ILE A 432 -21.66 3.34 23.80
N THR A 433 -22.48 4.37 24.02
CA THR A 433 -23.86 4.19 24.43
C THR A 433 -24.86 4.46 23.31
N MET A 434 -25.96 3.72 23.34
CA MET A 434 -27.07 3.92 22.41
C MET A 434 -28.35 4.02 23.21
N ASN A 435 -29.25 4.92 22.82
CA ASN A 435 -30.57 4.92 23.43
C ASN A 435 -31.40 3.77 22.84
N TYR A 436 -32.58 3.55 23.38
CA TYR A 436 -33.39 2.42 22.96
C TYR A 436 -33.68 2.38 21.45
N ASN A 437 -34.07 3.51 20.87
CA ASN A 437 -34.37 3.51 19.44
C ASN A 437 -33.12 3.27 18.59
N GLN A 438 -31.98 3.77 19.05
CA GLN A 438 -30.74 3.54 18.32
C GLN A 438 -30.40 2.05 18.36
N PHE A 439 -30.63 1.45 19.53
CA PHE A 439 -30.43 0.01 19.71
C PHE A 439 -31.27 -0.81 18.72
N LEU A 440 -32.53 -0.45 18.58
CA LEU A 440 -33.41 -1.14 17.64
C LEU A 440 -32.96 -0.92 16.20
N GLU A 441 -32.46 0.27 15.90
CA GLU A 441 -31.94 0.54 14.58
C GLU A 441 -30.72 -0.34 14.31
N LEU A 442 -29.83 -0.47 15.29
CA LEU A 442 -28.67 -1.35 15.11
C LEU A 442 -29.11 -2.82 14.89
N GLU A 443 -30.15 -3.25 15.59
CA GLU A 443 -30.65 -4.62 15.45
C GLU A 443 -31.16 -4.85 14.05
N LYS A 444 -31.86 -3.86 13.53
CA LYS A 444 -32.44 -3.93 12.20
C LYS A 444 -31.41 -3.86 11.06
N THR A 445 -30.46 -2.94 11.16
CA THR A 445 -29.47 -2.75 10.09
C THR A 445 -28.27 -3.68 10.21
N LYS A 446 -27.93 -4.06 11.45
CA LYS A 446 -26.72 -4.84 11.71
C LYS A 446 -25.48 -4.31 10.99
N GLN A 447 -25.38 -2.97 10.97
CA GLN A 447 -24.30 -2.31 10.27
C GLN A 447 -23.79 -1.11 11.07
N LEU A 448 -22.48 -0.91 11.08
CA LEU A 448 -21.86 0.28 11.64
C LEU A 448 -20.84 0.81 10.62
N ARG A 449 -20.47 2.08 10.76
CA ARG A 449 -19.48 2.67 9.85
C ARG A 449 -18.36 3.29 10.64
N LEU A 450 -17.13 3.13 10.17
CA LEU A 450 -15.97 3.69 10.84
C LEU A 450 -15.32 4.71 9.90
N ASP A 451 -15.46 5.99 10.22
CA ASP A 451 -14.84 7.05 9.42
C ASP A 451 -13.55 7.51 10.08
N THR A 452 -12.45 7.37 9.36
CA THR A 452 -11.15 7.67 9.92
C THR A 452 -10.51 8.85 9.18
N ASP A 453 -9.94 9.81 9.93
CA ASP A 453 -9.35 10.98 9.28
C ASP A 453 -7.97 10.67 8.71
N GLN A 454 -7.31 11.68 8.16
CA GLN A 454 -6.01 11.47 7.54
C GLN A 454 -4.90 12.16 8.32
N VAL A 455 -4.97 12.10 9.63
CA VAL A 455 -3.96 12.71 10.50
C VAL A 455 -2.96 11.64 10.90
N TYR A 456 -1.78 11.67 10.29
CA TYR A 456 -0.87 10.53 10.40
C TYR A 456 0.47 10.85 11.08
N GLY A 457 0.66 12.10 11.50
CA GLY A 457 1.85 12.46 12.25
C GLY A 457 3.14 12.63 11.47
N ASN A 458 4.26 12.38 12.14
CA ASN A 458 5.56 12.69 11.55
C ASN A 458 6.10 11.60 10.65
N ILE A 459 7.08 11.97 9.83
CA ILE A 459 7.58 11.11 8.76
C ILE A 459 9.02 10.74 9.06
N ALA A 460 9.40 9.49 8.83
CA ALA A 460 10.81 9.11 8.91
C ALA A 460 11.52 9.37 7.57
N THR A 461 12.46 10.30 7.58
CA THR A 461 13.15 10.74 6.39
C THR A 461 14.62 10.35 6.45
N TYR A 462 15.26 10.32 5.29
CA TYR A 462 16.70 10.10 5.19
C TYR A 462 17.50 11.36 5.55
N ASN A 463 18.58 11.17 6.31
CA ASN A 463 19.50 12.25 6.67
C ASN A 463 20.85 12.03 5.96
N PHE A 464 21.21 12.94 5.07
CA PHE A 464 22.44 12.78 4.29
C PHE A 464 23.70 13.00 5.13
N GLU A 465 23.57 13.71 6.25
CA GLU A 465 24.70 13.91 7.14
C GLU A 465 25.23 12.59 7.73
N ASN A 466 24.33 11.66 8.03
CA ASN A 466 24.75 10.42 8.68
C ASN A 466 24.20 9.15 8.04
N GLY A 467 23.52 9.30 6.92
CA GLY A 467 23.02 8.15 6.20
C GLY A 467 22.00 7.31 6.94
N ARG A 468 21.26 7.91 7.86
CA ARG A 468 20.26 7.16 8.61
C ARG A 468 18.85 7.65 8.30
N VAL A 469 17.89 6.77 8.56
CA VAL A 469 16.48 7.13 8.53
C VAL A 469 15.98 7.28 9.97
N ARG A 470 15.35 8.42 10.27
CA ARG A 470 14.80 8.65 11.59
C ARG A 470 13.54 9.50 11.48
N VAL A 471 12.63 9.33 12.43
CA VAL A 471 11.44 10.16 12.47
C VAL A 471 11.91 11.61 12.58
N ASP A 472 11.41 12.45 11.68
CA ASP A 472 11.79 13.85 11.65
C ASP A 472 10.66 14.71 12.20
N THR A 473 10.88 15.32 13.37
CA THR A 473 9.86 16.15 14.01
C THR A 473 9.43 17.31 13.13
N GLY A 474 10.29 17.69 12.18
CA GLY A 474 9.98 18.81 11.30
C GLY A 474 9.20 18.41 10.04
N SER A 475 8.87 17.14 9.92
CA SER A 475 8.19 16.61 8.73
C SER A 475 6.87 15.95 9.14
N ASN A 476 5.78 16.30 8.46
CA ASN A 476 4.47 15.82 8.84
C ASN A 476 3.62 15.45 7.62
N TRP A 477 2.91 14.34 7.70
CA TRP A 477 2.11 13.84 6.57
C TRP A 477 1.08 14.85 6.13
N SER A 478 0.60 15.69 7.05
CA SER A 478 -0.41 16.66 6.69
C SER A 478 0.10 17.73 5.72
N GLU A 479 1.42 17.85 5.59
CA GLU A 479 2.01 18.81 4.67
C GLU A 479 2.27 18.18 3.31
N VAL A 480 2.05 16.87 3.23
CA VAL A 480 2.42 16.09 2.06
C VAL A 480 1.16 15.61 1.31
N LEU A 481 0.17 15.15 2.06
CA LEU A 481 -0.99 14.49 1.43
C LEU A 481 -1.71 15.34 0.38
N PRO A 482 -1.94 16.64 0.66
CA PRO A 482 -2.64 17.47 -0.32
C PRO A 482 -1.96 17.48 -1.70
N GLN A 483 -0.64 17.63 -1.70
CA GLN A 483 0.13 17.68 -2.94
C GLN A 483 0.09 16.34 -3.66
N ILE A 484 0.19 15.26 -2.91
CA ILE A 484 0.09 13.94 -3.52
C ILE A 484 -1.25 13.80 -4.22
N GLN A 485 -2.31 14.20 -3.53
CA GLN A 485 -3.64 14.01 -4.09
C GLN A 485 -3.87 14.86 -5.34
N GLU A 486 -3.26 16.04 -5.35
CA GLU A 486 -3.49 17.00 -6.42
C GLU A 486 -2.69 16.70 -7.70
N THR A 487 -1.62 15.94 -7.58
CA THR A 487 -0.72 15.72 -8.72
C THR A 487 -0.66 14.29 -9.24
N THR A 488 -1.46 13.38 -8.67
CA THR A 488 -1.44 11.99 -9.10
C THR A 488 -2.80 11.50 -9.61
N ALA A 489 -2.78 10.42 -10.39
CA ALA A 489 -4.01 9.71 -10.73
C ALA A 489 -4.18 8.61 -9.72
N ARG A 490 -5.42 8.41 -9.29
CA ARG A 490 -5.70 7.36 -8.32
C ARG A 490 -6.30 6.12 -9.00
N ILE A 491 -5.69 4.96 -8.74
CA ILE A 491 -6.30 3.69 -9.12
C ILE A 491 -6.66 2.90 -7.87
N ILE A 492 -7.93 2.48 -7.80
CA ILE A 492 -8.39 1.55 -6.77
C ILE A 492 -8.65 0.20 -7.40
N PHE A 493 -8.04 -0.84 -6.85
CA PHE A 493 -8.01 -2.16 -7.49
C PHE A 493 -8.32 -3.23 -6.46
N ASN A 494 -9.16 -4.20 -6.81
CA ASN A 494 -9.53 -5.22 -5.82
C ASN A 494 -9.02 -6.64 -6.11
N GLY A 495 -8.03 -6.76 -6.96
CA GLY A 495 -7.58 -8.07 -7.41
C GLY A 495 -6.94 -8.89 -6.31
N LYS A 496 -6.51 -8.23 -5.25
CA LYS A 496 -5.98 -8.94 -4.08
C LYS A 496 -7.08 -9.20 -3.04
N ASP A 497 -7.61 -10.42 -3.08
CA ASP A 497 -8.64 -10.90 -2.14
C ASP A 497 -9.93 -10.09 -2.14
N LEU A 498 -10.18 -9.37 -3.23
CA LEU A 498 -11.42 -8.59 -3.38
C LEU A 498 -11.50 -7.40 -2.44
N ASN A 499 -10.43 -7.11 -1.74
CA ASN A 499 -10.42 -5.92 -0.90
C ASN A 499 -9.93 -4.70 -1.70
N LEU A 500 -10.50 -3.52 -1.44
CA LEU A 500 -10.13 -2.31 -2.19
C LEU A 500 -8.77 -1.77 -1.77
N VAL A 501 -7.84 -1.73 -2.72
CA VAL A 501 -6.52 -1.18 -2.49
C VAL A 501 -6.30 0.01 -3.40
N GLU A 502 -5.97 1.14 -2.80
CA GLU A 502 -5.75 2.38 -3.53
CA GLU A 502 -5.74 2.37 -3.53
C GLU A 502 -4.26 2.63 -3.72
N ARG A 503 -3.88 3.03 -4.92
CA ARG A 503 -2.52 3.51 -5.20
C ARG A 503 -2.64 4.82 -5.97
N ARG A 504 -1.66 5.69 -5.83
CA ARG A 504 -1.61 6.91 -6.63
C ARG A 504 -0.33 6.98 -7.42
N ILE A 505 -0.44 7.38 -8.68
CA ILE A 505 0.69 7.40 -9.60
C ILE A 505 0.85 8.80 -10.17
N ALA A 506 2.09 9.29 -10.18
CA ALA A 506 2.41 10.60 -10.80
C ALA A 506 1.86 10.68 -12.21
N ALA A 507 1.18 11.78 -12.52
CA ALA A 507 0.57 11.91 -13.84
C ALA A 507 0.47 13.37 -14.19
N VAL A 508 0.71 13.67 -15.47
CA VAL A 508 0.73 15.03 -15.95
C VAL A 508 -0.59 15.76 -15.68
N ASN A 509 -0.49 17.02 -15.25
CA ASN A 509 -1.61 17.93 -15.29
C ASN A 509 -1.33 18.91 -16.42
N PRO A 510 -2.08 18.83 -17.52
CA PRO A 510 -1.77 19.65 -18.69
C PRO A 510 -1.85 21.13 -18.37
N SER A 511 -2.59 21.46 -17.31
CA SER A 511 -2.85 22.85 -16.92
C SER A 511 -1.84 23.43 -15.93
N ASP A 512 -0.97 22.59 -15.38
CA ASP A 512 -0.01 23.05 -14.36
C ASP A 512 1.41 22.89 -14.90
N PRO A 513 2.07 24.01 -15.23
CA PRO A 513 3.33 23.86 -15.96
C PRO A 513 4.33 22.92 -15.28
N LEU A 514 4.49 23.01 -13.97
CA LEU A 514 5.42 22.11 -13.30
C LEU A 514 5.10 20.64 -13.56
N GLU A 515 3.81 20.28 -13.47
CA GLU A 515 3.41 18.91 -13.64
C GLU A 515 3.58 18.42 -15.07
N THR A 516 3.76 19.34 -16.02
CA THR A 516 4.00 18.91 -17.39
C THR A 516 5.43 18.41 -17.59
N THR A 517 6.27 18.58 -16.57
CA THR A 517 7.68 18.17 -16.67
C THR A 517 7.84 16.72 -16.22
N LYS A 518 6.73 16.09 -15.85
CA LYS A 518 6.73 14.68 -15.50
C LYS A 518 6.60 13.82 -16.74
N PRO A 519 7.08 12.57 -16.66
CA PRO A 519 6.95 11.71 -17.83
C PRO A 519 5.50 11.38 -18.12
N ASP A 520 5.18 11.03 -19.37
CA ASP A 520 3.83 10.56 -19.67
C ASP A 520 3.60 9.28 -18.88
N MET A 521 2.43 9.16 -18.24
CA MET A 521 2.06 7.92 -17.54
C MET A 521 0.93 7.23 -18.30
N THR A 522 1.18 6.04 -18.83
CA THR A 522 0.09 5.28 -19.47
C THR A 522 -0.68 4.41 -18.45
N LEU A 523 -1.91 4.08 -18.79
CA LEU A 523 -2.72 3.20 -17.96
C LEU A 523 -2.03 1.86 -17.75
N LYS A 524 -1.46 1.32 -18.82
CA LYS A 524 -0.76 0.05 -18.73
C LYS A 524 0.43 0.13 -17.79
N GLU A 525 1.30 1.12 -18.01
CA GLU A 525 2.46 1.30 -17.14
C GLU A 525 2.07 1.49 -15.67
N ALA A 526 1.03 2.29 -15.41
CA ALA A 526 0.53 2.50 -14.06
C ALA A 526 0.19 1.19 -13.36
N LEU A 527 -0.52 0.31 -14.06
CA LEU A 527 -0.93 -0.98 -13.49
C LEU A 527 0.29 -1.85 -13.19
N LYS A 528 1.29 -1.79 -14.07
CA LYS A 528 2.50 -2.57 -13.84
C LYS A 528 3.27 -2.08 -12.61
N ILE A 529 3.54 -0.77 -12.57
CA ILE A 529 4.37 -0.26 -11.47
C ILE A 529 3.65 -0.11 -10.13
N ALA A 530 2.35 0.17 -10.16
CA ALA A 530 1.61 0.38 -8.92
C ALA A 530 1.05 -0.91 -8.31
N PHE A 531 0.66 -1.86 -9.16
CA PHE A 531 -0.02 -3.06 -8.68
C PHE A 531 0.71 -4.36 -9.04
N GLY A 532 1.83 -4.24 -9.73
CA GLY A 532 2.59 -5.42 -10.12
C GLY A 532 1.95 -6.28 -11.19
N PHE A 533 1.12 -5.68 -12.04
CA PHE A 533 0.74 -6.36 -13.27
C PHE A 533 2.01 -6.67 -14.08
N ASN A 534 2.01 -7.79 -14.79
CA ASN A 534 3.13 -8.10 -15.67
C ASN A 534 2.57 -8.51 -17.03
N GLU A 535 3.45 -8.77 -17.99
CA GLU A 535 3.00 -9.11 -19.33
C GLU A 535 3.91 -10.14 -19.98
N PRO A 536 3.71 -11.41 -19.63
CA PRO A 536 4.59 -12.46 -20.14
C PRO A 536 4.46 -12.68 -21.65
N ASN A 537 3.23 -12.78 -22.14
CA ASN A 537 3.01 -13.03 -23.56
C ASN A 537 2.20 -11.94 -24.23
N GLY A 538 2.68 -10.70 -24.11
CA GLY A 538 1.98 -9.56 -24.68
C GLY A 538 0.55 -9.40 -24.17
N ASN A 539 0.23 -10.06 -23.06
CA ASN A 539 -1.03 -9.80 -22.37
C ASN A 539 -0.79 -9.37 -20.94
N LEU A 540 -1.34 -8.21 -20.59
CA LEU A 540 -1.18 -7.68 -19.25
C LEU A 540 -1.99 -8.55 -18.27
N GLN A 541 -1.36 -8.95 -17.18
CA GLN A 541 -1.98 -9.88 -16.24
C GLN A 541 -1.72 -9.42 -14.82
N TYR A 542 -2.64 -9.76 -13.90
CA TYR A 542 -2.35 -9.64 -12.48
C TYR A 542 -2.36 -11.03 -11.88
N GLN A 543 -1.19 -11.50 -11.47
CA GLN A 543 -1.05 -12.83 -10.89
C GLN A 543 -1.81 -13.91 -11.65
N GLY A 544 -1.60 -13.94 -12.97
CA GLY A 544 -2.20 -14.96 -13.82
C GLY A 544 -3.54 -14.63 -14.43
N LYS A 545 -4.22 -13.61 -13.91
CA LYS A 545 -5.53 -13.22 -14.45
C LYS A 545 -5.34 -12.11 -15.49
N ASP A 546 -5.84 -12.33 -16.70
CA ASP A 546 -5.81 -11.30 -17.74
C ASP A 546 -6.49 -10.03 -17.28
N ILE A 547 -6.00 -8.89 -17.76
CA ILE A 547 -6.59 -7.59 -17.42
C ILE A 547 -8.08 -7.56 -17.81
N THR A 548 -8.44 -8.28 -18.87
CA THR A 548 -9.84 -8.33 -19.32
C THR A 548 -10.79 -9.00 -18.31
N GLU A 549 -10.23 -9.61 -17.27
CA GLU A 549 -11.03 -10.21 -16.21
C GLU A 549 -11.44 -9.19 -15.16
N PHE A 550 -11.04 -7.93 -15.36
CA PHE A 550 -11.41 -6.83 -14.48
C PHE A 550 -12.09 -5.75 -15.30
N ASP A 551 -13.02 -5.04 -14.70
CA ASP A 551 -13.69 -3.92 -15.37
C ASP A 551 -13.03 -2.56 -15.05
N PHE A 552 -13.43 -1.53 -15.81
CA PHE A 552 -12.96 -0.18 -15.57
C PHE A 552 -14.13 0.73 -15.26
N ASN A 553 -13.96 1.54 -14.22
CA ASN A 553 -14.99 2.46 -13.79
C ASN A 553 -14.29 3.78 -13.48
N PHE A 554 -14.86 4.90 -13.91
CA PHE A 554 -14.21 6.19 -13.73
C PHE A 554 -15.15 7.21 -13.13
N ASP A 555 -14.61 8.27 -12.53
CA ASP A 555 -15.47 9.39 -12.15
C ASP A 555 -15.87 10.14 -13.42
N GLN A 556 -16.78 11.10 -13.30
CA GLN A 556 -17.35 11.69 -14.52
C GLN A 556 -16.33 12.42 -15.39
N GLN A 557 -15.50 13.23 -14.76
CA GLN A 557 -14.46 13.98 -15.48
C GLN A 557 -13.49 13.01 -16.15
N THR A 558 -13.08 11.98 -15.42
CA THR A 558 -12.15 10.99 -15.95
C THR A 558 -12.78 10.22 -17.11
N SER A 559 -14.07 9.93 -16.99
CA SER A 559 -14.75 9.16 -18.01
C SER A 559 -14.74 9.91 -19.32
N GLN A 560 -15.07 11.19 -19.26
CA GLN A 560 -15.12 12.00 -20.46
C GLN A 560 -13.72 12.15 -21.02
N ASN A 561 -12.74 12.33 -20.14
CA ASN A 561 -11.36 12.40 -20.58
C ASN A 561 -10.95 11.16 -21.37
N ILE A 562 -11.17 9.98 -20.80
CA ILE A 562 -10.74 8.74 -21.44
C ILE A 562 -11.53 8.48 -22.74
N LYS A 563 -12.82 8.78 -22.72
CA LYS A 563 -13.64 8.65 -23.91
C LYS A 563 -13.05 9.51 -25.04
N ASN A 564 -12.64 10.73 -24.71
CA ASN A 564 -12.01 11.58 -25.72
C ASN A 564 -10.72 10.97 -26.28
N GLN A 565 -9.90 10.42 -25.40
CA GLN A 565 -8.65 9.79 -25.85
C GLN A 565 -8.93 8.64 -26.80
N LEU A 566 -9.91 7.83 -26.47
CA LEU A 566 -10.24 6.68 -27.29
C LEU A 566 -10.67 7.14 -28.67
N ALA A 567 -11.47 8.19 -28.72
CA ALA A 567 -11.93 8.70 -30.01
C ALA A 567 -10.76 9.23 -30.85
N GLU A 568 -9.86 9.98 -30.20
CA GLU A 568 -8.65 10.46 -30.86
C GLU A 568 -7.81 9.32 -31.40
N LEU A 569 -7.76 8.22 -30.65
CA LEU A 569 -7.03 7.03 -31.05
C LEU A 569 -7.76 6.20 -32.10
N ASN A 570 -9.00 6.58 -32.41
CA ASN A 570 -9.88 5.73 -33.24
CA ASN A 570 -9.87 5.74 -33.24
C ASN A 570 -9.99 4.33 -32.65
N ALA A 571 -9.98 4.25 -31.32
CA ALA A 571 -10.01 2.96 -30.63
C ALA A 571 -11.38 2.73 -30.04
N THR A 572 -11.92 1.54 -30.28
CA THR A 572 -13.25 1.24 -29.80
C THR A 572 -13.22 0.42 -28.52
N ASN A 573 -12.03 -0.07 -28.16
CA ASN A 573 -11.92 -0.98 -27.01
C ASN A 573 -10.70 -0.67 -26.15
N ILE A 574 -10.95 -0.19 -24.93
CA ILE A 574 -9.85 0.23 -24.06
C ILE A 574 -8.79 -0.85 -23.81
N TYR A 575 -9.19 -2.12 -23.74
CA TYR A 575 -8.26 -3.19 -23.36
C TYR A 575 -7.15 -3.41 -24.35
N THR A 576 -7.37 -3.02 -25.61
CA THR A 576 -6.34 -3.21 -26.64
C THR A 576 -5.42 -2.00 -26.82
N VAL A 577 -5.66 -0.93 -26.07
CA VAL A 577 -4.85 0.28 -26.19
C VAL A 577 -4.42 0.85 -24.83
N LEU A 578 -4.28 -0.01 -23.82
CA LEU A 578 -3.86 0.49 -22.49
C LEU A 578 -2.52 1.20 -22.51
N ASP A 579 -1.67 0.80 -23.44
CA ASP A 579 -0.36 1.44 -23.60
C ASP A 579 -0.44 2.83 -24.23
N LYS A 580 -1.62 3.20 -24.72
CA LYS A 580 -1.78 4.47 -25.42
C LYS A 580 -2.66 5.46 -24.67
N ILE A 581 -3.32 4.96 -23.63
CA ILE A 581 -4.19 5.78 -22.80
C ILE A 581 -3.34 6.50 -21.75
N LYS A 582 -3.37 7.84 -21.76
CA LYS A 582 -2.56 8.61 -20.83
C LYS A 582 -3.36 8.98 -19.58
N LEU A 583 -2.74 8.80 -18.42
CA LEU A 583 -3.34 9.27 -17.19
C LEU A 583 -3.01 10.74 -16.94
N ASN A 584 -3.92 11.43 -16.25
CA ASN A 584 -3.67 12.81 -15.83
C ASN A 584 -3.90 12.92 -14.32
N ALA A 585 -3.30 13.93 -13.71
CA ALA A 585 -3.47 14.21 -12.31
C ALA A 585 -4.96 14.36 -12.00
N LYS A 586 -5.34 13.88 -10.82
CA LYS A 586 -6.72 13.97 -10.31
C LYS A 586 -7.71 13.02 -10.98
N MET A 587 -7.25 12.15 -11.86
CA MET A 587 -8.13 11.10 -12.34
C MET A 587 -8.46 10.13 -11.21
N ASN A 588 -9.64 9.52 -11.29
CA ASN A 588 -9.99 8.41 -10.40
C ASN A 588 -10.46 7.20 -11.20
N ILE A 589 -9.82 6.06 -10.95
CA ILE A 589 -10.03 4.85 -11.72
C ILE A 589 -10.27 3.71 -10.75
N LEU A 590 -11.35 2.98 -11.00
CA LEU A 590 -11.74 1.84 -10.16
C LEU A 590 -11.77 0.56 -11.00
N ILE A 591 -11.03 -0.44 -10.56
CA ILE A 591 -10.84 -1.65 -11.33
C ILE A 591 -11.23 -2.85 -10.46
N ARG A 592 -12.21 -3.64 -10.94
CA ARG A 592 -12.82 -4.68 -10.10
C ARG A 592 -12.91 -6.01 -10.81
N ASP A 593 -12.71 -7.08 -10.06
CA ASP A 593 -12.90 -8.43 -10.57
C ASP A 593 -14.32 -8.60 -11.13
N LYS A 594 -14.41 -8.99 -12.40
CA LYS A 594 -15.69 -9.11 -13.11
C LYS A 594 -16.59 -10.25 -12.64
N ARG A 595 -16.04 -11.20 -11.90
CA ARG A 595 -16.83 -12.33 -11.41
C ARG A 595 -17.92 -11.94 -10.42
N PHE A 596 -17.82 -10.74 -9.83
CA PHE A 596 -18.65 -10.43 -8.67
C PHE A 596 -19.63 -9.28 -8.89
N HIS A 597 -20.68 -9.27 -8.07
CA HIS A 597 -21.60 -8.14 -7.97
C HIS A 597 -21.12 -7.28 -6.81
N TYR A 598 -21.28 -5.95 -6.92
CA TYR A 598 -20.78 -5.03 -5.92
C TYR A 598 -21.87 -4.14 -5.40
N ASP A 599 -21.84 -3.82 -4.10
CA ASP A 599 -22.76 -2.84 -3.54
C ASP A 599 -22.26 -1.41 -3.75
N ARG A 600 -23.00 -0.42 -3.25
CA ARG A 600 -22.65 0.97 -3.47
C ARG A 600 -21.32 1.38 -2.80
N ASN A 601 -20.83 0.53 -1.89
CA ASN A 601 -19.55 0.76 -1.22
C ASN A 601 -18.44 0.01 -1.95
N ASN A 602 -18.77 -0.53 -3.13
CA ASN A 602 -17.86 -1.38 -3.87
C ASN A 602 -17.28 -2.59 -3.15
N ILE A 603 -18.06 -3.14 -2.23
CA ILE A 603 -17.74 -4.39 -1.58
C ILE A 603 -18.37 -5.52 -2.40
N ALA A 604 -17.63 -6.60 -2.59
CA ALA A 604 -18.19 -7.75 -3.31
C ALA A 604 -19.31 -8.40 -2.47
N VAL A 605 -20.50 -8.52 -3.06
CA VAL A 605 -21.66 -9.04 -2.34
C VAL A 605 -22.39 -10.18 -3.06
N GLY A 606 -21.97 -10.52 -4.27
CA GLY A 606 -22.66 -11.56 -5.01
C GLY A 606 -21.90 -11.99 -6.24
N ALA A 607 -22.54 -12.78 -7.09
CA ALA A 607 -21.91 -13.26 -8.30
C ALA A 607 -23.01 -13.91 -9.15
N ASP A 608 -22.82 -13.97 -10.46
CA ASP A 608 -23.81 -14.58 -11.34
C ASP A 608 -24.13 -16.02 -10.93
N GLU A 609 -25.39 -16.42 -11.12
CA GLU A 609 -25.78 -17.81 -10.88
C GLU A 609 -24.82 -18.79 -11.55
N SER A 610 -24.47 -18.52 -12.81
CA SER A 610 -23.61 -19.43 -13.56
C SER A 610 -22.23 -19.54 -12.92
N VAL A 611 -21.70 -18.41 -12.45
CA VAL A 611 -20.42 -18.38 -11.76
C VAL A 611 -20.46 -19.16 -10.45
N VAL A 612 -21.53 -18.93 -9.66
CA VAL A 612 -21.68 -19.65 -8.41
C VAL A 612 -21.84 -21.15 -8.62
N LYS A 613 -22.68 -21.54 -9.57
CA LYS A 613 -22.85 -22.96 -9.90
C LYS A 613 -21.53 -23.61 -10.29
N GLU A 614 -20.81 -22.99 -11.22
CA GLU A 614 -19.55 -23.55 -11.67
C GLU A 614 -18.56 -23.69 -10.51
N ALA A 615 -18.54 -22.70 -9.64
CA ALA A 615 -17.61 -22.70 -8.52
C ALA A 615 -17.85 -23.86 -7.57
N HIS A 616 -19.03 -24.49 -7.63
CA HIS A 616 -19.40 -25.59 -6.74
C HIS A 616 -19.44 -26.93 -7.48
N ARG A 617 -19.03 -26.91 -8.73
CA ARG A 617 -19.13 -28.06 -9.65
C ARG A 617 -18.44 -29.32 -9.14
N GLU A 618 -17.15 -29.21 -8.82
CA GLU A 618 -16.36 -30.36 -8.40
C GLU A 618 -16.61 -30.74 -6.94
N VAL A 619 -17.31 -31.86 -6.76
CA VAL A 619 -17.58 -32.39 -5.44
C VAL A 619 -16.60 -33.50 -5.10
N ILE A 620 -15.97 -33.39 -3.95
CA ILE A 620 -15.05 -34.41 -3.46
C ILE A 620 -15.82 -35.56 -2.86
N ASN A 621 -16.74 -35.23 -1.97
CA ASN A 621 -17.50 -36.25 -1.24
C ASN A 621 -18.91 -35.79 -0.93
N SER A 622 -19.86 -36.73 -0.96
CA SER A 622 -21.22 -36.44 -0.54
C SER A 622 -21.75 -37.60 0.26
N SER A 623 -22.56 -37.30 1.27
CA SER A 623 -23.25 -38.32 2.05
C SER A 623 -24.45 -37.65 2.69
N THR A 624 -25.22 -38.41 3.46
CA THR A 624 -26.35 -37.84 4.19
C THR A 624 -25.86 -36.91 5.30
N GLU A 625 -24.55 -36.83 5.47
CA GLU A 625 -23.98 -35.95 6.50
C GLU A 625 -23.59 -34.58 5.94
N GLY A 626 -23.36 -34.49 4.64
CA GLY A 626 -22.98 -33.23 4.04
C GLY A 626 -22.17 -33.32 2.76
N LEU A 627 -21.72 -32.15 2.29
CA LEU A 627 -20.91 -32.07 1.07
C LEU A 627 -19.49 -31.63 1.38
N LEU A 628 -18.54 -32.21 0.66
CA LEU A 628 -17.15 -31.80 0.74
C LEU A 628 -16.71 -31.30 -0.62
N LEU A 629 -16.44 -30.01 -0.72
CA LEU A 629 -16.14 -29.36 -1.99
C LEU A 629 -14.85 -28.56 -1.93
N ASN A 630 -14.31 -28.25 -3.10
CA ASN A 630 -13.28 -27.23 -3.21
C ASN A 630 -13.86 -25.98 -3.83
N ILE A 631 -13.92 -24.90 -3.03
CA ILE A 631 -14.46 -23.64 -3.52
C ILE A 631 -13.41 -22.51 -3.53
N ASP A 632 -13.32 -21.80 -4.66
CA ASP A 632 -12.44 -20.65 -4.82
C ASP A 632 -12.56 -19.70 -3.62
N LYS A 633 -11.43 -19.24 -3.10
CA LYS A 633 -11.44 -18.39 -1.91
C LYS A 633 -12.25 -17.12 -2.11
N ASP A 634 -12.22 -16.57 -3.32
CA ASP A 634 -12.98 -15.37 -3.65
C ASP A 634 -14.47 -15.66 -3.64
N ILE A 635 -14.88 -16.77 -4.23
CA ILE A 635 -16.30 -17.14 -4.23
C ILE A 635 -16.84 -17.24 -2.81
N ARG A 636 -16.10 -17.94 -1.94
CA ARG A 636 -16.50 -18.13 -0.55
C ARG A 636 -16.77 -16.80 0.16
N LYS A 637 -16.07 -15.76 -0.28
CA LYS A 637 -16.19 -14.45 0.35
C LYS A 637 -17.56 -13.81 0.14
N ILE A 638 -18.27 -14.20 -0.92
CA ILE A 638 -19.58 -13.59 -1.22
C ILE A 638 -20.76 -14.46 -0.82
N LEU A 639 -20.48 -15.58 -0.16
CA LEU A 639 -21.56 -16.47 0.30
C LEU A 639 -21.83 -16.27 1.78
N SER A 640 -23.10 -16.11 2.12
CA SER A 640 -23.46 -15.96 3.52
C SER A 640 -23.87 -17.29 4.14
N GLY A 641 -24.24 -18.24 3.30
CA GLY A 641 -24.58 -19.57 3.79
C GLY A 641 -25.25 -20.47 2.77
N TYR A 642 -25.77 -21.58 3.27
CA TYR A 642 -26.37 -22.62 2.45
C TYR A 642 -27.70 -23.07 3.01
N ILE A 643 -28.60 -23.48 2.12
CA ILE A 643 -29.89 -24.04 2.50
C ILE A 643 -29.92 -25.48 1.99
N VAL A 644 -30.28 -26.41 2.87
CA VAL A 644 -30.36 -27.83 2.53
C VAL A 644 -31.83 -28.25 2.52
N GLU A 645 -32.18 -29.09 1.56
CA GLU A 645 -33.58 -29.39 1.33
C GLU A 645 -33.72 -30.81 0.77
N ILE A 646 -34.81 -31.48 1.12
CA ILE A 646 -35.11 -32.79 0.55
C ILE A 646 -36.37 -32.64 -0.26
N GLU A 647 -36.30 -33.04 -1.52
CA GLU A 647 -37.43 -32.91 -2.43
C GLU A 647 -38.02 -34.29 -2.66
N ASP A 648 -39.30 -34.45 -2.36
CA ASP A 648 -39.92 -35.76 -2.51
C ASP A 648 -40.35 -36.02 -3.96
N THR A 649 -40.97 -37.17 -4.17
CA THR A 649 -41.32 -37.59 -5.52
C THR A 649 -42.35 -36.68 -6.19
N GLU A 650 -43.23 -36.06 -5.39
CA GLU A 650 -44.25 -35.18 -5.96
C GLU A 650 -43.79 -33.74 -6.13
N GLY A 651 -42.54 -33.45 -5.73
CA GLY A 651 -41.98 -32.13 -5.97
C GLY A 651 -42.07 -31.20 -4.76
N LEU A 652 -42.56 -31.74 -3.65
CA LEU A 652 -42.64 -30.98 -2.42
C LEU A 652 -41.29 -31.00 -1.72
N LYS A 653 -40.98 -29.94 -0.99
CA LYS A 653 -39.64 -29.78 -0.44
C LYS A 653 -39.66 -29.61 1.06
N GLU A 654 -38.82 -30.39 1.73
CA GLU A 654 -38.61 -30.23 3.16
C GLU A 654 -37.31 -29.44 3.36
N VAL A 655 -37.42 -28.20 3.83
CA VAL A 655 -36.22 -27.40 4.13
C VAL A 655 -35.69 -27.78 5.52
N ILE A 656 -34.46 -28.27 5.57
CA ILE A 656 -33.87 -28.83 6.77
C ILE A 656 -33.44 -27.74 7.77
N ASN A 657 -32.68 -26.75 7.30
CA ASN A 657 -32.30 -25.61 8.12
C ASN A 657 -33.14 -24.37 7.75
N ASP A 658 -34.43 -24.44 8.04
CA ASP A 658 -35.39 -23.47 7.53
C ASP A 658 -35.54 -22.23 8.42
N ARG A 659 -34.44 -21.54 8.66
CA ARG A 659 -34.44 -20.29 9.40
C ARG A 659 -33.40 -19.36 8.83
N TYR A 660 -33.72 -18.08 8.78
CA TYR A 660 -32.84 -17.09 8.15
C TYR A 660 -31.50 -16.99 8.86
N ASP A 661 -31.47 -17.38 10.14
CA ASP A 661 -30.26 -17.31 10.95
C ASP A 661 -29.56 -18.67 11.06
N MET A 662 -30.02 -19.64 10.28
CA MET A 662 -29.46 -20.98 10.36
C MET A 662 -28.75 -21.40 9.09
N LEU A 663 -28.19 -20.45 8.36
CA LEU A 663 -27.58 -20.78 7.08
C LEU A 663 -26.07 -20.95 7.16
N CYS A 664 -25.49 -20.64 8.30
CA CYS A 664 -24.05 -20.79 8.51
C CYS A 664 -23.73 -22.25 8.83
N ILE A 665 -23.73 -23.09 7.80
CA ILE A 665 -23.48 -24.50 7.97
C ILE A 665 -22.22 -24.96 7.24
N SER A 666 -21.50 -24.03 6.63
CA SER A 666 -20.26 -24.39 5.95
C SER A 666 -19.05 -23.97 6.77
N SER A 667 -17.97 -24.72 6.65
CA SER A 667 -16.72 -24.37 7.31
C SER A 667 -15.55 -24.74 6.42
N LEU A 668 -14.52 -23.90 6.46
CA LEU A 668 -13.29 -24.13 5.71
C LEU A 668 -12.38 -25.01 6.54
N ARG A 669 -11.96 -26.14 5.98
CA ARG A 669 -11.15 -27.09 6.73
C ARG A 669 -9.66 -26.79 6.63
N GLN A 670 -8.88 -27.53 7.42
CA GLN A 670 -7.43 -27.42 7.43
C GLN A 670 -6.85 -27.67 6.04
N ASP A 671 -7.41 -28.64 5.34
CA ASP A 671 -6.94 -28.96 3.99
C ASP A 671 -7.52 -28.00 2.95
N GLY A 672 -8.17 -26.95 3.42
CA GLY A 672 -8.64 -25.90 2.53
C GLY A 672 -9.92 -26.22 1.77
N LYS A 673 -10.48 -27.41 2.03
CA LYS A 673 -11.74 -27.81 1.41
C LYS A 673 -12.90 -27.31 2.27
N THR A 674 -14.05 -27.11 1.64
CA THR A 674 -15.23 -26.66 2.37
C THR A 674 -16.16 -27.81 2.71
N PHE A 675 -16.60 -27.87 3.97
CA PHE A 675 -17.59 -28.86 4.36
C PHE A 675 -18.93 -28.20 4.65
N ILE A 676 -19.97 -28.68 3.97
CA ILE A 676 -21.32 -28.22 4.22
C ILE A 676 -22.05 -29.24 5.11
N ASP A 677 -22.35 -28.84 6.33
CA ASP A 677 -22.81 -29.73 7.38
C ASP A 677 -24.33 -29.88 7.42
N PHE A 678 -24.84 -30.99 6.90
CA PHE A 678 -26.28 -31.26 6.94
C PHE A 678 -26.82 -31.48 8.36
N LYS A 679 -25.97 -31.94 9.27
CA LYS A 679 -26.44 -32.33 10.61
C LYS A 679 -26.60 -31.16 11.57
N LYS A 680 -25.83 -30.10 11.36
CA LYS A 680 -25.75 -28.99 12.31
C LYS A 680 -27.12 -28.51 12.75
N TYR A 681 -28.03 -28.33 11.81
CA TYR A 681 -29.38 -27.87 12.13
C TYR A 681 -30.43 -28.94 11.83
N ASN A 682 -30.00 -30.19 11.88
CA ASN A 682 -30.91 -31.33 11.78
C ASN A 682 -30.91 -32.10 13.11
N ASP A 683 -30.70 -31.37 14.20
CA ASP A 683 -30.69 -31.97 15.53
C ASP A 683 -29.54 -32.97 15.65
N LYS A 684 -28.42 -32.64 15.02
CA LYS A 684 -27.22 -33.48 15.01
C LYS A 684 -27.39 -34.82 14.28
N LEU A 685 -28.46 -34.96 13.50
CA LEU A 685 -28.71 -36.20 12.79
C LEU A 685 -28.45 -36.09 11.28
N PRO A 686 -27.94 -37.17 10.67
CA PRO A 686 -27.84 -37.28 9.22
C PRO A 686 -29.21 -37.08 8.58
N LEU A 687 -29.25 -36.69 7.32
CA LEU A 687 -30.51 -36.59 6.60
C LEU A 687 -31.18 -37.96 6.50
N TYR A 688 -32.46 -38.00 6.86
CA TYR A 688 -33.24 -39.20 6.63
C TYR A 688 -33.97 -39.08 5.30
N ILE A 689 -33.58 -39.93 4.36
CA ILE A 689 -34.22 -39.97 3.06
C ILE A 689 -35.12 -41.20 2.94
N SER A 690 -36.43 -40.97 3.00
CA SER A 690 -37.44 -42.04 3.02
C SER A 690 -37.37 -42.95 1.80
N ASN A 691 -37.07 -42.35 0.66
CA ASN A 691 -37.14 -43.02 -0.63
C ASN A 691 -35.94 -42.63 -1.50
N PRO A 692 -35.23 -43.62 -2.05
CA PRO A 692 -33.99 -43.39 -2.81
C PRO A 692 -34.18 -42.42 -3.97
N ASN A 693 -35.42 -42.24 -4.43
CA ASN A 693 -35.69 -41.34 -5.53
C ASN A 693 -35.90 -39.89 -5.08
N TYR A 694 -35.96 -39.67 -3.77
CA TYR A 694 -35.97 -38.32 -3.23
C TYR A 694 -34.67 -37.64 -3.62
N LYS A 695 -34.69 -36.31 -3.70
CA LYS A 695 -33.46 -35.58 -4.00
C LYS A 695 -33.00 -34.83 -2.76
N VAL A 696 -31.69 -34.67 -2.65
CA VAL A 696 -31.09 -33.72 -1.73
C VAL A 696 -30.62 -32.53 -2.55
N ASN A 697 -31.20 -31.38 -2.25
CA ASN A 697 -30.84 -30.15 -2.94
C ASN A 697 -30.09 -29.21 -1.98
N VAL A 698 -28.97 -28.67 -2.43
CA VAL A 698 -28.25 -27.70 -1.61
C VAL A 698 -28.15 -26.42 -2.41
N TYR A 699 -28.39 -25.29 -1.75
CA TYR A 699 -28.45 -23.98 -2.37
C TYR A 699 -27.48 -23.04 -1.68
N ALA A 700 -26.81 -22.20 -2.46
CA ALA A 700 -25.98 -21.16 -1.92
C ALA A 700 -26.78 -19.86 -1.83
N VAL A 701 -26.53 -19.08 -0.79
CA VAL A 701 -27.17 -17.79 -0.63
C VAL A 701 -26.09 -16.74 -0.58
N THR A 702 -26.10 -15.80 -1.53
CA THR A 702 -25.06 -14.77 -1.56
C THR A 702 -25.35 -13.65 -0.57
N LYS A 703 -24.31 -12.91 -0.22
CA LYS A 703 -24.47 -11.82 0.75
C LYS A 703 -25.57 -10.85 0.33
N GLU A 704 -25.62 -10.51 -0.95
CA GLU A 704 -26.61 -9.54 -1.42
C GLU A 704 -28.03 -10.06 -1.32
N ASN A 705 -28.19 -11.38 -1.25
CA ASN A 705 -29.52 -11.97 -1.11
C ASN A 705 -29.86 -12.44 0.30
N THR A 706 -28.97 -12.17 1.24
CA THR A 706 -29.13 -12.64 2.62
C THR A 706 -30.17 -11.83 3.38
N ILE A 707 -31.06 -12.54 4.08
CA ILE A 707 -32.03 -11.93 4.97
C ILE A 707 -31.38 -11.79 6.33
N ILE A 708 -31.43 -10.60 6.92
CA ILE A 708 -30.75 -10.38 8.19
C ILE A 708 -31.68 -10.10 9.37
N ASN A 709 -32.99 -10.14 9.11
CA ASN A 709 -34.03 -9.94 10.12
C ASN A 709 -35.21 -10.83 9.83
N PRO A 710 -36.05 -11.07 10.83
CA PRO A 710 -37.33 -11.69 10.51
C PRO A 710 -38.10 -10.78 9.55
N SER A 711 -39.01 -11.33 8.76
CA SER A 711 -39.81 -10.49 7.87
C SER A 711 -40.74 -9.59 8.69
N GLU A 712 -41.41 -8.66 8.02
CA GLU A 712 -42.33 -7.75 8.69
C GLU A 712 -43.41 -8.50 9.48
N ASN A 713 -43.82 -9.66 8.97
CA ASN A 713 -44.86 -10.46 9.61
C ASN A 713 -44.34 -11.35 10.74
N GLY A 714 -43.02 -11.33 10.94
CA GLY A 714 -42.41 -12.10 12.02
C GLY A 714 -41.82 -13.42 11.59
N ASP A 715 -42.11 -13.81 10.35
CA ASP A 715 -41.61 -15.07 9.78
C ASP A 715 -40.08 -15.13 9.79
N THR A 716 -39.53 -16.12 10.48
CA THR A 716 -38.07 -16.29 10.50
C THR A 716 -37.59 -17.38 9.55
N SER A 717 -38.48 -17.86 8.68
CA SER A 717 -38.15 -18.98 7.81
C SER A 717 -37.32 -18.50 6.62
N THR A 718 -36.91 -19.45 5.77
CA THR A 718 -36.16 -19.10 4.57
C THR A 718 -37.09 -18.81 3.39
N ASN A 719 -38.39 -18.79 3.65
CA ASN A 719 -39.34 -18.58 2.55
C ASN A 719 -39.04 -17.29 1.81
N GLY A 720 -38.90 -17.40 0.49
CA GLY A 720 -38.65 -16.26 -0.36
C GLY A 720 -37.18 -15.87 -0.55
N ILE A 721 -36.29 -16.51 0.19
CA ILE A 721 -34.87 -16.16 0.06
C ILE A 721 -34.42 -16.52 -1.34
N LYS A 722 -33.70 -15.60 -1.98
CA LYS A 722 -33.24 -15.84 -3.33
C LYS A 722 -31.94 -16.65 -3.24
N LYS A 723 -32.00 -17.87 -3.75
CA LYS A 723 -30.95 -18.86 -3.49
C LYS A 723 -30.56 -19.56 -4.77
N ILE A 724 -29.36 -20.13 -4.78
CA ILE A 724 -28.79 -20.65 -6.02
C ILE A 724 -28.53 -22.14 -5.88
N LEU A 725 -29.21 -22.95 -6.68
CA LEU A 725 -29.04 -24.40 -6.61
C LEU A 725 -27.61 -24.77 -7.00
N ILE A 726 -26.91 -25.47 -6.11
CA ILE A 726 -25.50 -25.78 -6.40
C ILE A 726 -25.18 -27.27 -6.36
N PHE A 727 -26.14 -28.06 -5.87
CA PHE A 727 -26.00 -29.51 -5.78
C PHE A 727 -27.38 -30.12 -5.79
N SER A 728 -27.60 -31.12 -6.64
CA SER A 728 -28.86 -31.84 -6.60
C SER A 728 -28.65 -33.28 -7.02
N LYS A 729 -28.75 -34.21 -6.06
CA LYS A 729 -28.59 -35.63 -6.35
C LYS A 729 -29.64 -36.47 -5.63
N LYS A 730 -30.04 -37.57 -6.25
CA LYS A 730 -31.00 -38.47 -5.64
C LYS A 730 -30.32 -39.30 -4.57
N GLY A 731 -31.12 -39.84 -3.66
CA GLY A 731 -30.63 -40.68 -2.58
C GLY A 731 -29.69 -41.79 -3.00
N TYR A 732 -30.01 -42.46 -4.10
CA TYR A 732 -29.15 -43.54 -4.58
C TYR A 732 -27.84 -43.04 -5.20
N GLU A 733 -27.76 -41.75 -5.50
CA GLU A 733 -26.54 -41.17 -6.09
C GLU A 733 -25.62 -40.59 -5.03
N ILE A 734 -26.06 -40.64 -3.78
CA ILE A 734 -25.32 -40.02 -2.68
C ILE A 734 -24.64 -41.05 -1.80
N GLY A 735 -25.41 -42.04 -1.37
CA GLY A 735 -24.92 -43.07 -0.46
C GLY A 735 -25.67 -43.07 0.86
CA CA B . 17.38 15.91 -10.39
CA CA C . 13.40 14.65 -9.71
O1 MXE D . -13.45 12.36 13.24
C1 MXE D . -12.66 11.48 12.52
C2 MXE D . -13.17 10.99 11.21
O2 MXE D . -13.29 11.89 10.17
C3 MXE D . -13.32 11.44 8.87
O1 MXE E . -17.68 -6.77 5.02
C1 MXE E . -18.10 -5.73 5.84
C2 MXE E . -19.17 -4.81 5.38
O2 MXE E . -20.19 -5.29 4.57
C3 MXE E . -21.26 -4.46 4.30
C ACN F . -24.22 -16.64 10.23
O ACN F . -24.27 -15.48 9.87
C1 ACN F . -25.15 -17.66 9.65
C2 ACN F . -23.23 -17.04 11.29
#